data_8BVD
#
_entry.id   8BVD
#
_cell.length_a   151.784
_cell.length_b   151.784
_cell.length_c   225.034
_cell.angle_alpha   90.000
_cell.angle_beta   90.000
_cell.angle_gamma   120.000
#
_symmetry.space_group_name_H-M   'P 61 2 2'
#
loop_
_entity.id
_entity.type
_entity.pdbx_description
1 polymer 'Type 1 fimbrin D-mannose specific adhesin'
2 non-polymer (2R,3S,4R,5S,6R)-2-(hydroxymethyl)-6-[(E)-3-quinolin-6-ylprop-2-enyl]oxane-3,4,5-triol
3 water water
#
_entity_poly.entity_id   1
_entity_poly.type   'polypeptide(L)'
_entity_poly.pdbx_seq_one_letter_code
;FACKTANGTAIPIGGGSANVYVNLAPVVNVGQNLVVDLSTQIFCHNDYPETITDYVTLQRGSAYGGVLSNFSGTVKYSGS
SYPFPTTSETPRVVYNSRTDKPWPVALYLTPVSSAGGVAIKAGSLIAVLILRQTNNYNSDDFQFVWNIYANNDVVVPT
;
_entity_poly.pdbx_strand_id   A,B,C,D
#
loop_
_chem_comp.id
_chem_comp.type
_chem_comp.name
_chem_comp.formula
RLO non-polymer (2R,3S,4R,5S,6R)-2-(hydroxymethyl)-6-[(E)-3-quinolin-6-ylprop-2-enyl]oxane-3,4,5-triol 'C18 H21 N O5'
#
# COMPACT_ATOMS: atom_id res chain seq x y z
N PHE A 1 -8.88 18.09 -21.64
CA PHE A 1 -8.43 17.64 -20.30
C PHE A 1 -6.99 17.14 -20.45
N ALA A 2 -6.09 17.80 -19.72
CA ALA A 2 -4.69 17.44 -19.72
C ALA A 2 -4.13 17.65 -18.32
N CYS A 3 -3.06 16.90 -18.02
CA CYS A 3 -2.42 16.90 -16.72
C CYS A 3 -0.97 17.33 -16.86
N LYS A 4 -0.43 17.92 -15.78
CA LYS A 4 1.00 18.16 -15.70
C LYS A 4 1.42 17.97 -14.25
N THR A 5 2.71 17.66 -14.05
CA THR A 5 3.28 17.60 -12.72
C THR A 5 3.86 18.97 -12.38
N ALA A 6 4.30 19.09 -11.11
CA ALA A 6 4.97 20.28 -10.62
C ALA A 6 6.30 20.45 -11.36
N ASN A 7 7.00 19.32 -11.57
CA ASN A 7 8.24 19.26 -12.32
C ASN A 7 8.09 19.94 -13.69
N GLY A 8 6.96 19.72 -14.38
CA GLY A 8 6.75 20.23 -15.72
C GLY A 8 6.29 19.15 -16.69
N THR A 9 6.69 17.89 -16.45
CA THR A 9 6.22 16.71 -17.16
C THR A 9 4.71 16.75 -17.43
N ALA A 10 4.30 16.56 -18.69
CA ALA A 10 2.89 16.69 -19.07
C ALA A 10 2.40 15.38 -19.71
N ILE A 11 1.09 15.14 -19.56
CA ILE A 11 0.38 14.18 -20.39
C ILE A 11 -0.77 14.95 -21.03
N PRO A 12 -0.90 14.93 -22.37
CA PRO A 12 -1.86 15.79 -23.05
C PRO A 12 -3.23 15.16 -23.22
N ILE A 13 -4.08 15.88 -23.95
CA ILE A 13 -5.37 15.40 -24.35
C ILE A 13 -5.23 13.99 -24.89
N GLY A 14 -6.21 13.14 -24.57
CA GLY A 14 -6.19 11.76 -25.05
C GLY A 14 -5.40 10.81 -24.16
N GLY A 15 -4.62 11.39 -23.24
CA GLY A 15 -3.92 10.58 -22.27
C GLY A 15 -2.55 10.16 -22.80
N GLY A 16 -1.89 9.31 -22.00
CA GLY A 16 -0.47 9.04 -22.18
C GLY A 16 0.17 8.50 -20.90
N SER A 17 1.49 8.62 -20.85
CA SER A 17 2.30 8.09 -19.77
C SER A 17 3.24 9.19 -19.29
N ALA A 18 3.58 9.17 -18.00
CA ALA A 18 4.63 10.05 -17.49
C ALA A 18 5.41 9.33 -16.40
N ASN A 19 6.65 9.79 -16.18
CA ASN A 19 7.47 9.34 -15.06
C ASN A 19 7.55 10.48 -14.04
N VAL A 20 7.18 10.15 -12.79
CA VAL A 20 7.11 11.13 -11.71
C VAL A 20 8.08 10.72 -10.61
N TYR A 21 8.93 11.68 -10.24
CA TYR A 21 9.99 11.46 -9.27
C TYR A 21 9.60 12.16 -7.97
N VAL A 22 9.46 11.37 -6.90
CA VAL A 22 9.04 11.88 -5.60
C VAL A 22 10.21 11.76 -4.62
N ASN A 23 10.43 12.83 -3.85
CA ASN A 23 11.24 12.76 -2.64
C ASN A 23 10.47 11.97 -1.60
N LEU A 24 11.12 10.94 -1.07
CA LEU A 24 10.56 10.18 0.03
C LEU A 24 11.29 10.50 1.32
N ALA A 25 10.58 10.25 2.44
CA ALA A 25 11.16 10.37 3.77
C ALA A 25 12.31 9.38 3.90
N PRO A 26 13.55 9.85 4.19
CA PRO A 26 14.74 8.99 4.28
C PRO A 26 14.67 7.80 5.24
N VAL A 27 13.95 7.99 6.35
CA VAL A 27 13.85 6.98 7.39
C VAL A 27 12.37 6.77 7.74
N VAL A 28 11.97 5.50 7.90
CA VAL A 28 10.65 5.14 8.39
C VAL A 28 10.78 3.89 9.27
N ASN A 29 10.29 3.94 10.52
CA ASN A 29 10.36 2.83 11.45
C ASN A 29 9.13 1.95 11.25
N VAL A 30 9.18 0.73 11.76
CA VAL A 30 8.04 -0.18 11.64
C VAL A 30 6.85 0.45 12.36
N GLY A 31 5.65 0.32 11.77
CA GLY A 31 4.43 0.92 12.30
C GLY A 31 4.40 2.45 12.31
N GLN A 32 5.33 3.09 11.58
CA GLN A 32 5.22 4.48 11.13
C GLN A 32 4.70 4.40 9.68
N ASN A 33 3.99 5.44 9.21
CA ASN A 33 3.55 5.52 7.84
C ASN A 33 4.57 6.27 6.96
N LEU A 34 4.79 5.75 5.75
CA LEU A 34 5.39 6.50 4.65
C LEU A 34 4.29 7.09 3.76
N VAL A 35 4.37 8.40 3.50
CA VAL A 35 3.36 9.07 2.69
C VAL A 35 3.96 9.46 1.34
N VAL A 36 3.29 9.02 0.26
CA VAL A 36 3.58 9.56 -1.05
C VAL A 36 2.40 10.41 -1.46
N ASP A 37 2.50 11.72 -1.23
CA ASP A 37 1.38 12.62 -1.47
C ASP A 37 1.50 13.21 -2.86
N LEU A 38 0.73 12.65 -3.81
CA LEU A 38 0.81 13.05 -5.20
C LEU A 38 -0.12 14.23 -5.48
N SER A 39 -0.97 14.61 -4.51
CA SER A 39 -1.85 15.76 -4.69
C SER A 39 -1.06 17.08 -4.72
N THR A 40 0.21 17.06 -4.28
CA THR A 40 1.05 18.25 -4.31
C THR A 40 1.84 18.29 -5.62
N GLN A 41 1.71 17.24 -6.45
CA GLN A 41 2.64 17.01 -7.54
C GLN A 41 1.97 16.77 -8.91
N ILE A 42 0.73 16.24 -8.94
CA ILE A 42 0.01 15.98 -10.18
C ILE A 42 -1.25 16.84 -10.23
N PHE A 43 -1.45 17.51 -11.37
CA PHE A 43 -2.48 18.53 -11.52
C PHE A 43 -3.18 18.35 -12.87
N CYS A 44 -4.45 18.77 -12.94
CA CYS A 44 -5.27 18.52 -14.11
C CYS A 44 -6.29 19.63 -14.33
N HIS A 45 -6.59 19.93 -15.59
CA HIS A 45 -7.63 20.89 -15.91
C HIS A 45 -8.58 20.31 -16.95
N ASN A 46 -9.74 20.97 -17.05
CA ASN A 46 -10.75 20.74 -18.07
C ASN A 46 -10.51 21.83 -19.12
N ASP A 47 -10.44 21.41 -20.39
CA ASP A 47 -10.02 22.28 -21.48
C ASP A 47 -11.20 23.08 -22.03
N TYR A 48 -12.44 22.62 -21.78
CA TYR A 48 -13.62 23.32 -22.26
C TYR A 48 -14.77 23.21 -21.26
N PRO A 49 -14.62 23.83 -20.05
CA PRO A 49 -15.59 23.66 -18.96
C PRO A 49 -16.99 24.24 -19.19
N GLU A 50 -17.10 25.20 -20.11
CA GLU A 50 -18.36 25.88 -20.42
C GLU A 50 -19.46 24.87 -20.79
N THR A 51 -19.09 23.79 -21.49
CA THR A 51 -20.08 22.82 -21.94
C THR A 51 -19.67 21.37 -21.60
N ILE A 52 -18.41 21.15 -21.22
CA ILE A 52 -17.95 19.79 -20.94
C ILE A 52 -17.57 19.69 -19.46
N THR A 53 -17.91 18.55 -18.87
CA THR A 53 -17.51 18.22 -17.51
C THR A 53 -16.72 16.92 -17.58
N ASP A 54 -15.54 16.96 -16.94
CA ASP A 54 -14.58 15.86 -16.95
C ASP A 54 -14.73 15.07 -15.66
N TYR A 55 -14.61 13.73 -15.78
CA TYR A 55 -14.83 12.82 -14.69
C TYR A 55 -13.62 11.90 -14.55
N VAL A 56 -12.98 11.92 -13.37
CA VAL A 56 -11.65 11.34 -13.23
C VAL A 56 -11.61 10.38 -12.06
N THR A 57 -11.14 9.15 -12.33
CA THR A 57 -11.05 8.15 -11.28
C THR A 57 -9.62 7.65 -11.21
N LEU A 58 -9.28 7.00 -10.09
CA LEU A 58 -8.17 6.07 -10.05
C LEU A 58 -8.70 4.71 -10.50
N GLN A 59 -8.28 4.26 -11.67
CA GLN A 59 -8.77 3.02 -12.24
C GLN A 59 -8.05 1.87 -11.53
N ARG A 60 -6.73 1.93 -11.52
CA ARG A 60 -5.84 0.84 -11.15
C ARG A 60 -4.61 1.47 -10.53
N GLY A 61 -4.07 0.83 -9.50
CA GLY A 61 -2.80 1.21 -8.91
C GLY A 61 -2.04 -0.04 -8.55
N SER A 62 -0.77 -0.13 -8.96
CA SER A 62 0.03 -1.28 -8.55
C SER A 62 1.39 -0.87 -8.00
N ALA A 63 1.96 -1.79 -7.18
CA ALA A 63 3.18 -1.57 -6.42
C ALA A 63 4.34 -2.36 -7.04
N TYR A 64 5.52 -1.71 -7.07
CA TYR A 64 6.73 -2.24 -7.69
C TYR A 64 7.93 -1.97 -6.77
N GLY A 65 8.95 -2.81 -6.86
CA GLY A 65 10.25 -2.56 -6.23
C GLY A 65 10.19 -2.72 -4.71
N GLY A 66 10.83 -1.79 -4.01
CA GLY A 66 10.89 -1.76 -2.56
C GLY A 66 9.52 -1.71 -1.87
N VAL A 67 8.57 -0.95 -2.44
CA VAL A 67 7.21 -0.86 -1.92
C VAL A 67 6.47 -2.19 -2.10
N LEU A 68 6.74 -2.90 -3.20
CA LEU A 68 6.05 -4.17 -3.40
C LEU A 68 6.60 -5.19 -2.42
N SER A 69 7.91 -5.08 -2.13
CA SER A 69 8.64 -6.11 -1.39
C SER A 69 8.47 -5.91 0.11
N ASN A 70 8.53 -4.67 0.62
CA ASN A 70 8.58 -4.52 2.08
C ASN A 70 7.72 -3.37 2.62
N PHE A 71 6.53 -3.21 2.06
CA PHE A 71 5.54 -2.28 2.57
C PHE A 71 4.15 -2.81 2.23
N SER A 72 3.24 -2.75 3.22
CA SER A 72 1.81 -2.86 2.98
C SER A 72 1.21 -1.47 3.11
N GLY A 73 0.05 -1.23 2.47
CA GLY A 73 -0.43 0.13 2.36
C GLY A 73 -1.90 0.26 1.97
N THR A 74 -2.30 1.54 1.90
CA THR A 74 -3.58 1.97 1.36
C THR A 74 -3.32 3.15 0.42
N VAL A 75 -4.33 3.45 -0.40
CA VAL A 75 -4.34 4.65 -1.19
C VAL A 75 -5.52 5.49 -0.74
N LYS A 76 -5.31 6.80 -0.63
CA LYS A 76 -6.38 7.72 -0.35
C LYS A 76 -6.71 8.47 -1.64
N TYR A 77 -7.97 8.34 -2.06
CA TYR A 77 -8.48 9.08 -3.20
C TYR A 77 -9.67 9.92 -2.78
N SER A 78 -9.50 11.24 -2.87
CA SER A 78 -10.55 12.21 -2.67
C SER A 78 -11.12 12.06 -1.26
N GLY A 79 -10.26 11.71 -0.31
CA GLY A 79 -10.62 11.69 1.08
C GLY A 79 -11.21 10.37 1.58
N SER A 80 -11.10 9.29 0.80
CA SER A 80 -11.45 7.95 1.29
C SER A 80 -10.28 6.99 1.09
N SER A 81 -10.28 5.91 1.88
CA SER A 81 -9.21 4.92 1.82
C SER A 81 -9.64 3.72 0.99
N TYR A 82 -8.72 3.20 0.18
CA TYR A 82 -8.93 1.98 -0.59
C TYR A 82 -7.66 1.14 -0.45
N PRO A 83 -7.73 -0.20 -0.71
CA PRO A 83 -6.55 -1.04 -0.66
C PRO A 83 -5.56 -0.59 -1.73
N PHE A 84 -4.27 -0.81 -1.46
CA PHE A 84 -3.22 -0.64 -2.46
C PHE A 84 -2.27 -1.83 -2.35
N PRO A 85 -2.09 -2.68 -3.40
CA PRO A 85 -2.65 -2.45 -4.73
C PRO A 85 -4.17 -2.48 -4.81
N THR A 86 -4.73 -1.67 -5.73
CA THR A 86 -6.16 -1.43 -5.84
C THR A 86 -6.92 -2.64 -6.41
N THR A 87 -8.08 -2.90 -5.80
CA THR A 87 -8.89 -4.06 -6.12
C THR A 87 -10.08 -3.68 -7.00
N SER A 88 -10.16 -2.39 -7.39
CA SER A 88 -11.33 -1.85 -8.08
C SER A 88 -11.09 -0.39 -8.51
N GLU A 89 -12.01 0.14 -9.33
CA GLU A 89 -12.03 1.55 -9.67
C GLU A 89 -12.71 2.36 -8.56
N THR A 90 -12.24 3.59 -8.32
CA THR A 90 -12.77 4.47 -7.29
C THR A 90 -13.93 5.32 -7.83
N PRO A 91 -14.70 5.97 -6.94
CA PRO A 91 -15.54 7.11 -7.29
C PRO A 91 -14.83 8.23 -8.06
N ARG A 92 -15.62 9.03 -8.78
CA ARG A 92 -15.06 9.99 -9.71
C ARG A 92 -14.90 11.35 -9.05
N VAL A 93 -13.79 12.04 -9.39
CA VAL A 93 -13.62 13.45 -9.07
C VAL A 93 -14.03 14.24 -10.30
N VAL A 94 -14.73 15.36 -10.09
CA VAL A 94 -15.17 16.23 -11.17
C VAL A 94 -14.11 17.31 -11.41
N TYR A 95 -13.75 17.52 -12.68
CA TYR A 95 -12.95 18.67 -13.07
C TYR A 95 -13.79 19.56 -14.00
N ASN A 96 -14.04 20.83 -13.58
CA ASN A 96 -14.82 21.74 -14.41
C ASN A 96 -14.23 23.16 -14.46
N SER A 97 -12.90 23.27 -14.31
CA SER A 97 -12.23 24.55 -14.43
C SER A 97 -11.04 24.42 -15.37
N ARG A 98 -10.70 25.53 -16.05
CA ARG A 98 -9.47 25.62 -16.84
C ARG A 98 -8.24 25.77 -15.92
N THR A 99 -8.47 26.15 -14.65
CA THR A 99 -7.43 26.21 -13.63
C THR A 99 -7.12 24.80 -13.12
N ASP A 100 -5.83 24.54 -12.94
CA ASP A 100 -5.34 23.24 -12.51
C ASP A 100 -5.93 22.94 -11.13
N LYS A 101 -6.35 21.68 -10.94
CA LYS A 101 -6.74 21.13 -9.66
C LYS A 101 -5.88 19.90 -9.37
N PRO A 102 -5.42 19.68 -8.12
CA PRO A 102 -4.73 18.42 -7.79
C PRO A 102 -5.51 17.19 -8.23
N TRP A 103 -4.77 16.15 -8.64
CA TRP A 103 -5.29 14.79 -8.60
C TRP A 103 -5.16 14.27 -7.18
N PRO A 104 -6.29 14.10 -6.46
CA PRO A 104 -6.24 13.93 -5.00
C PRO A 104 -5.85 12.52 -4.55
N VAL A 105 -4.59 12.15 -4.78
CA VAL A 105 -4.12 10.80 -4.50
C VAL A 105 -2.90 10.87 -3.59
N ALA A 106 -2.95 10.06 -2.53
CA ALA A 106 -1.80 9.85 -1.64
C ALA A 106 -1.72 8.37 -1.27
N LEU A 107 -0.51 7.84 -1.18
CA LEU A 107 -0.28 6.50 -0.70
C LEU A 107 0.12 6.56 0.78
N TYR A 108 -0.47 5.65 1.59
CA TYR A 108 -0.06 5.45 2.96
C TYR A 108 0.55 4.05 3.09
N LEU A 109 1.88 4.02 3.17
CA LEU A 109 2.65 2.78 3.15
C LEU A 109 3.31 2.59 4.50
N THR A 110 3.33 1.35 5.00
CA THR A 110 3.96 1.05 6.28
C THR A 110 4.75 -0.25 6.13
N PRO A 111 6.01 -0.30 6.63
CA PRO A 111 6.87 -1.47 6.45
C PRO A 111 6.22 -2.71 7.08
N VAL A 112 6.33 -3.84 6.37
CA VAL A 112 6.06 -5.15 6.96
C VAL A 112 7.16 -5.40 7.99
N SER A 113 6.94 -6.40 8.86
CA SER A 113 7.82 -6.63 10.01
C SER A 113 9.18 -7.20 9.60
N SER A 114 9.23 -7.90 8.45
CA SER A 114 10.49 -8.36 7.86
C SER A 114 11.49 -7.24 7.65
N ALA A 115 11.03 -6.00 7.42
CA ALA A 115 11.75 -4.98 6.67
C ALA A 115 12.87 -4.35 7.49
N GLY A 116 13.99 -4.11 6.80
CA GLY A 116 15.22 -3.66 7.41
C GLY A 116 16.14 -3.04 6.35
N GLY A 117 16.99 -2.10 6.79
CA GLY A 117 17.98 -1.45 5.93
C GLY A 117 17.34 -0.57 4.87
N VAL A 118 18.01 -0.44 3.70
CA VAL A 118 17.41 0.19 2.53
C VAL A 118 16.28 -0.72 2.04
N ALA A 119 15.05 -0.18 2.06
CA ALA A 119 13.84 -0.88 1.69
C ALA A 119 13.20 -0.23 0.47
N ILE A 120 13.69 0.96 0.09
CA ILE A 120 13.37 1.60 -1.18
C ILE A 120 14.65 2.20 -1.73
N LYS A 121 15.07 1.70 -2.91
CA LYS A 121 16.29 2.14 -3.56
C LYS A 121 15.99 3.38 -4.39
N ALA A 122 16.87 4.38 -4.31
CA ALA A 122 16.74 5.60 -5.11
C ALA A 122 16.76 5.26 -6.60
N GLY A 123 15.88 5.93 -7.37
CA GLY A 123 15.77 5.72 -8.80
C GLY A 123 14.87 4.55 -9.19
N SER A 124 14.32 3.82 -8.20
CA SER A 124 13.55 2.62 -8.48
C SER A 124 12.09 3.00 -8.70
N LEU A 125 11.42 2.20 -9.54
CA LEU A 125 9.99 2.30 -9.72
C LEU A 125 9.30 1.69 -8.49
N ILE A 126 8.35 2.44 -7.93
CA ILE A 126 7.63 2.04 -6.73
C ILE A 126 6.16 1.83 -7.04
N ALA A 127 5.58 2.61 -7.94
CA ALA A 127 4.17 2.39 -8.27
C ALA A 127 3.84 2.87 -9.68
N VAL A 128 2.75 2.31 -10.23
CA VAL A 128 2.10 2.83 -11.44
C VAL A 128 0.62 3.03 -11.15
N LEU A 129 0.16 4.27 -11.33
CA LEU A 129 -1.20 4.65 -11.02
C LEU A 129 -1.87 5.09 -12.32
N ILE A 130 -3.09 4.59 -12.56
CA ILE A 130 -3.80 4.89 -13.77
C ILE A 130 -4.97 5.80 -13.46
N LEU A 131 -4.85 7.05 -13.90
CA LEU A 131 -5.94 8.01 -13.92
C LEU A 131 -6.79 7.75 -15.16
N ARG A 132 -8.09 7.48 -14.96
CA ARG A 132 -9.01 7.28 -16.07
C ARG A 132 -9.93 8.49 -16.22
N GLN A 133 -9.97 9.08 -17.42
CA GLN A 133 -10.68 10.34 -17.67
C GLN A 133 -11.81 10.09 -18.67
N THR A 134 -13.00 10.56 -18.30
CA THR A 134 -14.21 10.50 -19.14
C THR A 134 -14.92 11.85 -19.07
N ASN A 135 -16.02 12.01 -19.80
CA ASN A 135 -16.70 13.29 -19.84
C ASN A 135 -18.18 13.08 -20.07
N ASN A 136 -18.93 14.19 -20.03
CA ASN A 136 -20.37 14.21 -20.21
C ASN A 136 -20.70 14.63 -21.65
N TYR A 137 -19.88 14.23 -22.62
CA TYR A 137 -19.86 14.87 -23.94
C TYR A 137 -19.80 13.86 -25.08
N ASN A 138 -18.91 12.87 -24.96
CA ASN A 138 -18.66 11.88 -26.00
C ASN A 138 -18.19 10.60 -25.31
N SER A 139 -17.53 9.70 -26.07
CA SER A 139 -17.07 8.41 -25.57
C SER A 139 -15.63 8.41 -25.06
N ASP A 140 -14.98 9.58 -24.92
CA ASP A 140 -13.58 9.64 -24.54
C ASP A 140 -13.37 8.82 -23.26
N ASP A 141 -12.35 7.93 -23.29
CA ASP A 141 -12.08 7.02 -22.20
C ASP A 141 -10.56 6.85 -22.09
N PHE A 142 -9.90 7.85 -21.50
CA PHE A 142 -8.45 8.01 -21.65
C PHE A 142 -7.72 7.58 -20.39
N GLN A 143 -6.59 6.89 -20.58
CA GLN A 143 -5.71 6.49 -19.50
C GLN A 143 -4.53 7.47 -19.40
N PHE A 144 -4.36 8.06 -18.22
CA PHE A 144 -3.18 8.82 -17.88
C PHE A 144 -2.35 8.01 -16.89
N VAL A 145 -1.23 7.46 -17.36
CA VAL A 145 -0.47 6.50 -16.57
C VAL A 145 0.67 7.23 -15.88
N TRP A 146 0.66 7.19 -14.53
CA TRP A 146 1.69 7.82 -13.73
C TRP A 146 2.61 6.74 -13.14
N ASN A 147 3.87 6.75 -13.58
CA ASN A 147 4.90 5.84 -13.13
C ASN A 147 5.76 6.58 -12.11
N ILE A 148 5.71 6.09 -10.86
CA ILE A 148 6.23 6.81 -9.70
C ILE A 148 7.61 6.25 -9.33
N TYR A 149 8.59 7.15 -9.26
CA TYR A 149 9.98 6.81 -9.01
C TYR A 149 10.45 7.48 -7.71
N ALA A 150 11.18 6.72 -6.89
CA ALA A 150 11.86 7.27 -5.72
C ALA A 150 13.03 8.15 -6.15
N ASN A 151 13.07 9.40 -5.67
CA ASN A 151 14.26 10.23 -5.82
C ASN A 151 15.40 9.78 -4.91
N ASN A 152 15.08 9.15 -3.77
CA ASN A 152 16.09 8.87 -2.78
C ASN A 152 15.85 7.49 -2.16
N ASP A 153 16.82 7.04 -1.35
CA ASP A 153 16.65 5.80 -0.60
C ASP A 153 15.64 6.04 0.53
N VAL A 154 15.15 4.93 1.07
CA VAL A 154 14.37 4.95 2.30
C VAL A 154 14.85 3.76 3.13
N VAL A 155 15.21 4.08 4.38
CA VAL A 155 15.80 3.14 5.32
C VAL A 155 14.77 2.87 6.40
N VAL A 156 14.53 1.57 6.64
CA VAL A 156 13.71 1.10 7.76
C VAL A 156 14.67 0.57 8.82
N PRO A 157 15.09 1.40 9.82
CA PRO A 157 16.04 0.92 10.83
C PRO A 157 15.28 0.00 11.79
N THR A 158 16.02 -0.94 12.40
CA THR A 158 15.66 -1.56 13.68
C THR A 158 16.97 -2.15 14.23
N PHE B 1 15.80 1.03 -29.59
CA PHE B 1 15.24 0.38 -28.37
C PHE B 1 16.01 -0.90 -28.09
N ALA B 2 16.65 -0.91 -26.92
CA ALA B 2 17.39 -2.07 -26.43
C ALA B 2 17.13 -2.23 -24.92
N CYS B 3 17.32 -3.45 -24.43
CA CYS B 3 17.10 -3.79 -23.02
C CYS B 3 18.40 -4.33 -22.42
N LYS B 4 18.53 -4.19 -21.09
CA LYS B 4 19.65 -4.69 -20.31
C LYS B 4 19.08 -5.22 -19.00
N THR B 5 19.73 -6.23 -18.39
CA THR B 5 19.40 -6.64 -17.03
C THR B 5 20.30 -5.85 -16.06
N ALA B 6 20.07 -6.06 -14.77
CA ALA B 6 20.91 -5.48 -13.72
C ALA B 6 22.31 -6.09 -13.82
N ASN B 7 22.37 -7.41 -14.07
CA ASN B 7 23.60 -8.16 -14.28
C ASN B 7 24.49 -7.45 -15.31
N GLY B 8 23.88 -6.97 -16.41
CA GLY B 8 24.64 -6.37 -17.51
C GLY B 8 24.32 -7.02 -18.85
N THR B 9 23.87 -8.30 -18.83
CA THR B 9 23.29 -8.99 -19.98
C THR B 9 22.37 -8.08 -20.81
N ALA B 10 22.62 -8.01 -22.11
CA ALA B 10 21.87 -7.11 -23.00
C ALA B 10 21.11 -7.92 -24.07
N ILE B 11 20.02 -7.33 -24.55
CA ILE B 11 19.42 -7.69 -25.81
C ILE B 11 19.38 -6.41 -26.64
N PRO B 12 19.93 -6.39 -27.87
CA PRO B 12 20.09 -5.14 -28.61
C PRO B 12 18.89 -4.83 -29.51
N ILE B 13 19.05 -3.76 -30.30
CA ILE B 13 18.08 -3.39 -31.31
C ILE B 13 17.69 -4.64 -32.11
N GLY B 14 16.41 -4.72 -32.47
CA GLY B 14 15.89 -5.85 -33.25
C GLY B 14 15.49 -7.03 -32.37
N GLY B 15 15.90 -7.01 -31.10
CA GLY B 15 15.44 -8.01 -30.15
C GLY B 15 16.40 -9.19 -30.12
N GLY B 16 16.01 -10.22 -29.36
CA GLY B 16 16.89 -11.32 -29.01
C GLY B 16 16.41 -12.06 -27.77
N SER B 17 17.36 -12.75 -27.12
CA SER B 17 17.07 -13.59 -25.96
C SER B 17 18.08 -13.24 -24.87
N ALA B 18 17.70 -13.39 -23.59
CA ALA B 18 18.65 -13.23 -22.50
C ALA B 18 18.24 -14.06 -21.30
N ASN B 19 19.22 -14.36 -20.42
CA ASN B 19 18.96 -15.10 -19.19
C ASN B 19 19.03 -14.14 -18.00
N VAL B 20 17.96 -14.18 -17.16
CA VAL B 20 17.94 -13.42 -15.93
C VAL B 20 17.91 -14.36 -14.72
N TYR B 21 18.83 -14.11 -13.79
CA TYR B 21 18.94 -14.86 -12.55
C TYR B 21 18.39 -14.02 -11.41
N VAL B 22 17.32 -14.50 -10.76
CA VAL B 22 16.64 -13.76 -9.71
C VAL B 22 16.84 -14.46 -8.38
N ASN B 23 17.23 -13.68 -7.35
CA ASN B 23 17.26 -14.20 -5.98
C ASN B 23 15.81 -14.25 -5.51
N LEU B 24 15.35 -15.43 -5.11
CA LEU B 24 13.98 -15.60 -4.66
C LEU B 24 13.93 -15.73 -3.13
N ALA B 25 12.75 -15.35 -2.61
CA ALA B 25 12.41 -15.50 -1.21
C ALA B 25 12.40 -16.99 -0.88
N PRO B 26 13.19 -17.43 0.13
CA PRO B 26 13.32 -18.84 0.51
C PRO B 26 12.07 -19.63 0.85
N VAL B 27 11.13 -19.03 1.59
CA VAL B 27 10.10 -19.83 2.25
C VAL B 27 8.72 -19.27 1.94
N VAL B 28 7.78 -20.16 1.61
CA VAL B 28 6.43 -19.74 1.25
C VAL B 28 5.47 -20.79 1.78
N ASN B 29 4.52 -20.33 2.60
CA ASN B 29 3.45 -21.16 3.15
C ASN B 29 2.27 -21.10 2.18
N VAL B 30 1.32 -22.04 2.28
CA VAL B 30 0.23 -22.11 1.31
C VAL B 30 -0.55 -20.81 1.39
N GLY B 31 -0.98 -20.32 0.22
CA GLY B 31 -1.71 -19.06 0.09
C GLY B 31 -0.78 -17.85 0.00
N GLN B 32 0.25 -17.83 0.88
CA GLN B 32 1.24 -16.76 0.93
C GLN B 32 1.86 -16.62 -0.46
N ASN B 33 2.28 -15.38 -0.82
CA ASN B 33 2.67 -15.10 -2.19
C ASN B 33 4.19 -15.21 -2.34
N LEU B 34 4.59 -15.82 -3.48
CA LEU B 34 5.91 -15.57 -4.03
C LEU B 34 5.81 -14.46 -5.07
N VAL B 35 6.61 -13.40 -4.88
CA VAL B 35 6.64 -12.31 -5.84
C VAL B 35 7.96 -12.37 -6.60
N VAL B 36 7.82 -12.41 -7.93
CA VAL B 36 8.97 -12.21 -8.78
C VAL B 36 8.82 -10.84 -9.42
N ASP B 37 9.48 -9.85 -8.81
CA ASP B 37 9.43 -8.48 -9.28
C ASP B 37 10.59 -8.27 -10.25
N LEU B 38 10.23 -8.27 -11.55
CA LEU B 38 11.21 -8.18 -12.60
C LEU B 38 11.54 -6.73 -12.92
N SER B 39 10.78 -5.78 -12.35
CA SER B 39 11.03 -4.36 -12.57
C SER B 39 12.33 -3.92 -11.92
N THR B 40 12.89 -4.73 -11.00
CA THR B 40 14.16 -4.41 -10.36
C THR B 40 15.34 -4.96 -11.15
N GLN B 41 15.05 -5.72 -12.22
CA GLN B 41 16.05 -6.56 -12.87
C GLN B 41 16.14 -6.38 -14.39
N ILE B 42 15.01 -5.99 -15.04
CA ILE B 42 14.95 -5.79 -16.49
C ILE B 42 14.65 -4.32 -16.80
N PHE B 43 15.45 -3.76 -17.71
CA PHE B 43 15.44 -2.34 -18.00
C PHE B 43 15.50 -2.12 -19.51
N CYS B 44 14.95 -1.00 -19.97
CA CYS B 44 14.83 -0.73 -21.41
C CYS B 44 14.89 0.76 -21.69
N HIS B 45 15.50 1.11 -22.84
CA HIS B 45 15.48 2.49 -23.27
C HIS B 45 14.98 2.60 -24.70
N ASN B 46 14.59 3.82 -25.04
CA ASN B 46 14.27 4.28 -26.37
C ASN B 46 15.54 4.97 -26.89
N ASP B 47 15.94 4.63 -28.11
CA ASP B 47 17.24 5.05 -28.65
C ASP B 47 17.18 6.48 -29.23
N TYR B 48 15.98 6.96 -29.59
CA TYR B 48 15.82 8.32 -30.08
C TYR B 48 14.47 8.87 -29.66
N PRO B 49 14.27 9.19 -28.36
CA PRO B 49 12.96 9.64 -27.86
C PRO B 49 12.44 10.99 -28.37
N GLU B 50 13.35 11.84 -28.86
CA GLU B 50 13.05 13.15 -29.43
C GLU B 50 12.00 13.07 -30.54
N THR B 51 12.01 12.02 -31.36
CA THR B 51 11.03 11.91 -32.45
C THR B 51 10.37 10.51 -32.49
N ILE B 52 10.90 9.54 -31.72
CA ILE B 52 10.36 8.19 -31.74
C ILE B 52 9.75 7.87 -30.36
N THR B 53 8.60 7.19 -30.39
CA THR B 53 8.05 6.62 -29.17
C THR B 53 7.97 5.11 -29.34
N ASP B 54 8.49 4.42 -28.32
CA ASP B 54 8.52 2.97 -28.27
C ASP B 54 7.36 2.46 -27.42
N TYR B 55 6.80 1.34 -27.87
CA TYR B 55 5.61 0.75 -27.26
C TYR B 55 5.88 -0.71 -26.96
N VAL B 56 5.70 -1.10 -25.70
CA VAL B 56 6.18 -2.38 -25.22
C VAL B 56 5.04 -3.12 -24.50
N THR B 57 4.80 -4.37 -24.91
CA THR B 57 3.78 -5.18 -24.28
C THR B 57 4.40 -6.46 -23.75
N LEU B 58 3.67 -7.12 -22.84
CA LEU B 58 3.91 -8.52 -22.58
C LEU B 58 3.06 -9.31 -23.56
N GLN B 59 3.73 -9.99 -24.51
CA GLN B 59 2.99 -10.75 -25.51
C GLN B 59 2.53 -12.06 -24.86
N ARG B 60 3.50 -12.78 -24.29
CA ARG B 60 3.29 -14.08 -23.69
C ARG B 60 4.18 -14.18 -22.46
N GLY B 61 3.63 -14.80 -21.41
CA GLY B 61 4.40 -15.27 -20.27
C GLY B 61 4.04 -16.72 -19.98
N SER B 62 5.07 -17.56 -19.84
CA SER B 62 4.84 -18.95 -19.54
C SER B 62 5.70 -19.43 -18.36
N ALA B 63 5.18 -20.47 -17.68
CA ALA B 63 5.73 -20.98 -16.42
C ALA B 63 6.41 -22.33 -16.63
N TYR B 64 7.58 -22.51 -15.98
CA TYR B 64 8.44 -23.67 -16.19
C TYR B 64 8.96 -24.16 -14.84
N GLY B 65 9.17 -25.47 -14.76
CA GLY B 65 9.82 -26.09 -13.60
C GLY B 65 8.91 -26.11 -12.38
N GLY B 66 9.51 -25.80 -11.24
CA GLY B 66 8.82 -25.79 -9.96
C GLY B 66 7.68 -24.77 -9.87
N VAL B 67 7.78 -23.62 -10.56
CA VAL B 67 6.72 -22.63 -10.61
C VAL B 67 5.49 -23.16 -11.37
N LEU B 68 5.74 -24.00 -12.37
CA LEU B 68 4.64 -24.52 -13.15
C LEU B 68 3.87 -25.52 -12.31
N SER B 69 4.57 -26.22 -11.40
CA SER B 69 4.08 -27.42 -10.74
C SER B 69 3.54 -27.12 -9.33
N ASN B 70 4.19 -26.17 -8.64
CA ASN B 70 3.94 -25.91 -7.23
C ASN B 70 3.32 -24.53 -6.99
N PHE B 71 2.86 -23.84 -8.05
CA PHE B 71 2.22 -22.55 -7.89
C PHE B 71 1.13 -22.36 -8.95
N SER B 72 0.06 -21.65 -8.56
CA SER B 72 -0.84 -20.93 -9.45
C SER B 72 -0.55 -19.44 -9.24
N GLY B 73 -0.81 -18.64 -10.28
CA GLY B 73 -0.23 -17.30 -10.37
C GLY B 73 -1.04 -16.31 -11.22
N THR B 74 -0.71 -15.03 -11.02
CA THR B 74 -1.13 -13.92 -11.88
C THR B 74 0.10 -13.06 -12.18
N VAL B 75 -0.01 -12.23 -13.22
CA VAL B 75 1.04 -11.30 -13.58
C VAL B 75 0.46 -9.89 -13.50
N LYS B 76 1.26 -8.97 -12.94
CA LYS B 76 0.90 -7.58 -12.93
C LYS B 76 1.78 -6.85 -13.95
N TYR B 77 1.11 -6.21 -14.91
CA TYR B 77 1.78 -5.46 -15.96
C TYR B 77 1.26 -4.02 -15.95
N SER B 78 2.18 -3.10 -15.62
CA SER B 78 1.91 -1.66 -15.58
C SER B 78 0.65 -1.36 -14.76
N GLY B 79 0.47 -2.09 -13.67
CA GLY B 79 -0.56 -1.74 -12.72
C GLY B 79 -1.91 -2.42 -12.95
N SER B 80 -1.98 -3.40 -13.85
CA SER B 80 -3.19 -4.22 -13.99
C SER B 80 -2.85 -5.70 -13.86
N SER B 81 -3.85 -6.50 -13.48
CA SER B 81 -3.63 -7.93 -13.23
C SER B 81 -4.12 -8.74 -14.42
N TYR B 82 -3.35 -9.77 -14.80
CA TYR B 82 -3.75 -10.71 -15.84
C TYR B 82 -3.44 -12.13 -15.37
N PRO B 83 -4.11 -13.17 -15.91
CA PRO B 83 -3.74 -14.56 -15.62
C PRO B 83 -2.31 -14.85 -16.07
N PHE B 84 -1.64 -15.76 -15.34
CA PHE B 84 -0.33 -16.29 -15.70
C PHE B 84 -0.32 -17.80 -15.50
N PRO B 85 -0.52 -18.65 -16.54
CA PRO B 85 -0.02 -18.38 -17.89
C PRO B 85 -0.92 -17.41 -18.64
N THR B 86 -0.32 -16.52 -19.44
CA THR B 86 -1.03 -15.48 -20.18
C THR B 86 -2.02 -16.08 -21.20
N THR B 87 -3.20 -15.49 -21.28
CA THR B 87 -4.24 -15.91 -22.22
C THR B 87 -4.26 -14.99 -23.45
N SER B 88 -3.36 -13.97 -23.48
CA SER B 88 -3.50 -12.84 -24.40
C SER B 88 -2.33 -11.87 -24.28
N GLU B 89 -2.33 -10.86 -25.15
CA GLU B 89 -1.37 -9.77 -25.09
C GLU B 89 -1.94 -8.63 -24.24
N THR B 90 -1.06 -7.90 -23.53
CA THR B 90 -1.45 -6.81 -22.64
C THR B 90 -1.45 -5.46 -23.37
N PRO B 91 -2.04 -4.41 -22.76
CA PRO B 91 -1.75 -3.01 -23.10
C PRO B 91 -0.27 -2.63 -23.11
N ARG B 92 0.04 -1.53 -23.81
CA ARG B 92 1.39 -1.10 -24.12
C ARG B 92 1.93 -0.19 -23.02
N VAL B 93 3.19 -0.38 -22.62
CA VAL B 93 3.93 0.59 -21.82
C VAL B 93 4.75 1.45 -22.77
N VAL B 94 4.82 2.75 -22.49
CA VAL B 94 5.54 3.69 -23.31
C VAL B 94 6.96 3.83 -22.78
N TYR B 95 7.94 3.75 -23.70
CA TYR B 95 9.31 4.12 -23.40
C TYR B 95 9.69 5.36 -24.23
N ASN B 96 10.08 6.43 -23.52
CA ASN B 96 10.44 7.70 -24.14
C ASN B 96 11.65 8.34 -23.44
N SER B 97 12.55 7.52 -22.88
CA SER B 97 13.80 8.04 -22.32
C SER B 97 14.96 7.24 -22.86
N ARG B 98 16.10 7.92 -23.04
CA ARG B 98 17.35 7.28 -23.39
C ARG B 98 17.95 6.58 -22.17
N THR B 99 17.48 6.93 -20.95
CA THR B 99 17.88 6.27 -19.71
C THR B 99 17.12 4.96 -19.58
N ASP B 100 17.83 3.89 -19.21
CA ASP B 100 17.20 2.60 -19.00
C ASP B 100 16.18 2.72 -17.88
N LYS B 101 15.01 2.12 -18.08
CA LYS B 101 13.86 2.27 -17.20
C LYS B 101 13.25 0.90 -16.99
N PRO B 102 12.81 0.55 -15.77
CA PRO B 102 12.21 -0.75 -15.51
C PRO B 102 11.12 -1.20 -16.47
N TRP B 103 11.13 -2.50 -16.76
CA TRP B 103 9.98 -3.16 -17.36
C TRP B 103 9.01 -3.55 -16.26
N PRO B 104 7.83 -2.90 -16.15
CA PRO B 104 6.93 -3.06 -15.00
C PRO B 104 6.15 -4.38 -14.97
N VAL B 105 6.87 -5.48 -14.71
CA VAL B 105 6.26 -6.80 -14.61
C VAL B 105 6.64 -7.42 -13.27
N ALA B 106 5.60 -7.96 -12.61
CA ALA B 106 5.79 -8.76 -11.42
C ALA B 106 4.82 -9.94 -11.44
N LEU B 107 5.32 -11.09 -10.98
CA LEU B 107 4.52 -12.31 -10.89
C LEU B 107 4.07 -12.50 -9.45
N TYR B 108 2.80 -12.90 -9.29
CA TYR B 108 2.26 -13.27 -8.00
C TYR B 108 1.93 -14.77 -8.03
N LEU B 109 2.78 -15.56 -7.37
CA LEU B 109 2.65 -17.02 -7.38
C LEU B 109 2.34 -17.49 -5.96
N THR B 110 1.37 -18.43 -5.86
CA THR B 110 0.98 -18.99 -4.57
C THR B 110 0.72 -20.49 -4.73
N PRO B 111 1.21 -21.36 -3.81
CA PRO B 111 1.09 -22.81 -3.92
C PRO B 111 -0.29 -23.34 -4.31
N VAL B 112 -0.30 -24.27 -5.27
CA VAL B 112 -1.44 -24.40 -6.18
C VAL B 112 -2.63 -24.97 -5.42
N SER B 113 -2.43 -26.11 -4.76
CA SER B 113 -3.38 -26.65 -3.79
C SER B 113 -2.58 -26.86 -2.50
N SER B 114 -1.57 -27.73 -2.59
CA SER B 114 -0.71 -28.06 -1.45
C SER B 114 0.66 -28.53 -1.96
N ALA B 115 1.59 -27.57 -2.08
CA ALA B 115 3.00 -27.84 -2.33
C ALA B 115 3.71 -28.28 -1.05
N GLY B 116 4.80 -29.05 -1.24
CA GLY B 116 5.66 -29.45 -0.15
C GLY B 116 7.14 -29.43 -0.55
N GLY B 117 8.00 -29.25 0.45
CA GLY B 117 9.44 -29.41 0.32
C GLY B 117 10.07 -28.28 -0.50
N VAL B 118 11.20 -28.61 -1.12
CA VAL B 118 11.80 -27.74 -2.13
C VAL B 118 10.88 -27.84 -3.35
N ALA B 119 10.36 -26.67 -3.77
CA ALA B 119 9.43 -26.57 -4.88
C ALA B 119 10.07 -25.78 -6.04
N ILE B 120 11.23 -25.18 -5.78
CA ILE B 120 12.03 -24.48 -6.77
C ILE B 120 13.50 -24.79 -6.51
N LYS B 121 14.13 -25.47 -7.48
CA LYS B 121 15.54 -25.85 -7.42
C LYS B 121 16.38 -24.68 -7.91
N ALA B 122 17.46 -24.35 -7.17
CA ALA B 122 18.38 -23.29 -7.58
C ALA B 122 18.99 -23.62 -8.95
N GLY B 123 19.03 -22.63 -9.84
CA GLY B 123 19.50 -22.82 -11.22
C GLY B 123 18.43 -23.37 -12.16
N SER B 124 17.18 -23.61 -11.70
CA SER B 124 16.11 -24.07 -12.58
C SER B 124 15.47 -22.89 -13.33
N LEU B 125 14.98 -23.16 -14.54
CA LEU B 125 14.17 -22.21 -15.28
C LEU B 125 12.77 -22.18 -14.69
N ILE B 126 12.27 -20.96 -14.44
CA ILE B 126 10.96 -20.76 -13.83
C ILE B 126 9.98 -20.09 -14.79
N ALA B 127 10.47 -19.18 -15.64
CA ALA B 127 9.55 -18.51 -16.56
C ALA B 127 10.29 -18.03 -17.80
N VAL B 128 9.50 -17.91 -18.89
CA VAL B 128 9.90 -17.29 -20.14
C VAL B 128 8.87 -16.21 -20.47
N LEU B 129 9.38 -14.96 -20.52
CA LEU B 129 8.53 -13.81 -20.75
C LEU B 129 8.94 -13.14 -22.05
N ILE B 130 7.94 -12.82 -22.88
CA ILE B 130 8.19 -12.23 -24.18
C ILE B 130 7.73 -10.77 -24.18
N LEU B 131 8.73 -9.88 -24.15
CA LEU B 131 8.52 -8.44 -24.33
C LEU B 131 8.45 -8.15 -25.83
N ARG B 132 7.34 -7.57 -26.29
CA ARG B 132 7.18 -7.24 -27.70
C ARG B 132 7.26 -5.73 -27.91
N GLN B 133 8.15 -5.28 -28.79
CA GLN B 133 8.44 -3.86 -28.98
C GLN B 133 8.01 -3.38 -30.37
N THR B 134 7.30 -2.24 -30.37
CA THR B 134 6.84 -1.55 -31.57
C THR B 134 7.12 -0.05 -31.40
N ASN B 135 6.73 0.76 -32.38
CA ASN B 135 7.04 2.18 -32.37
C ASN B 135 5.96 2.92 -33.16
N ASN B 136 6.10 4.25 -33.19
CA ASN B 136 5.18 5.17 -33.82
C ASN B 136 5.44 5.36 -35.31
N TYR B 137 6.40 4.62 -35.95
CA TYR B 137 6.81 5.00 -37.30
C TYR B 137 6.87 3.84 -38.28
N ASN B 138 7.16 2.60 -37.88
CA ASN B 138 7.19 1.53 -38.88
C ASN B 138 6.50 0.29 -38.34
N SER B 139 6.74 -0.86 -38.99
CA SER B 139 6.12 -2.13 -38.64
C SER B 139 6.99 -3.01 -37.73
N ASP B 140 8.06 -2.46 -37.13
CA ASP B 140 8.93 -3.22 -36.24
C ASP B 140 8.08 -3.94 -35.21
N ASP B 141 8.35 -5.26 -35.06
CA ASP B 141 7.63 -6.12 -34.15
C ASP B 141 8.66 -7.06 -33.53
N PHE B 142 9.51 -6.50 -32.65
CA PHE B 142 10.67 -7.22 -32.16
C PHE B 142 10.38 -7.92 -30.82
N GLN B 143 10.85 -9.17 -30.71
CA GLN B 143 10.67 -9.97 -29.52
C GLN B 143 11.94 -9.94 -28.66
N PHE B 144 11.78 -9.53 -27.40
CA PHE B 144 12.84 -9.64 -26.40
C PHE B 144 12.44 -10.75 -25.42
N VAL B 145 13.13 -11.90 -25.53
CA VAL B 145 12.78 -13.09 -24.77
C VAL B 145 13.60 -13.13 -23.49
N TRP B 146 12.88 -13.14 -22.36
CA TRP B 146 13.51 -13.24 -21.05
C TRP B 146 13.30 -14.63 -20.46
N ASN B 147 14.44 -15.30 -20.24
CA ASN B 147 14.48 -16.61 -19.62
C ASN B 147 14.93 -16.44 -18.16
N ILE B 148 13.99 -16.71 -17.22
CA ILE B 148 14.20 -16.37 -15.82
C ILE B 148 14.61 -17.63 -15.05
N TYR B 149 15.72 -17.49 -14.30
CA TYR B 149 16.32 -18.57 -13.53
C TYR B 149 16.33 -18.22 -12.04
N ALA B 150 16.05 -19.24 -11.21
CA ALA B 150 16.20 -19.14 -9.76
C ALA B 150 17.68 -19.09 -9.40
N ASN B 151 18.09 -18.08 -8.62
CA ASN B 151 19.40 -18.08 -8.00
C ASN B 151 19.47 -19.05 -6.82
N ASN B 152 18.33 -19.36 -6.18
CA ASN B 152 18.35 -20.17 -4.98
C ASN B 152 17.14 -21.13 -4.97
N ASP B 153 17.09 -22.02 -3.97
CA ASP B 153 15.92 -22.85 -3.77
C ASP B 153 14.76 -22.02 -3.20
N VAL B 154 13.56 -22.60 -3.24
CA VAL B 154 12.41 -22.06 -2.53
C VAL B 154 11.62 -23.23 -1.96
N VAL B 155 11.27 -23.15 -0.67
CA VAL B 155 10.71 -24.23 0.12
C VAL B 155 9.28 -23.86 0.53
N VAL B 156 8.37 -24.84 0.40
CA VAL B 156 7.03 -24.77 0.99
C VAL B 156 7.02 -25.69 2.23
N PRO B 157 7.24 -25.17 3.46
CA PRO B 157 7.26 -26.01 4.67
C PRO B 157 5.93 -26.73 4.90
N THR B 158 6.01 -27.84 5.66
CA THR B 158 4.83 -28.61 6.09
C THR B 158 4.72 -28.59 7.62
N PHE C 1 -18.49 -40.46 10.84
CA PHE C 1 -18.46 -38.98 10.75
C PHE C 1 -17.03 -38.54 10.43
N ALA C 2 -16.89 -37.88 9.28
CA ALA C 2 -15.63 -37.31 8.83
C ALA C 2 -15.88 -35.94 8.20
N CYS C 3 -14.84 -35.10 8.19
CA CYS C 3 -14.91 -33.75 7.65
C CYS C 3 -13.90 -33.59 6.53
N LYS C 4 -14.17 -32.66 5.59
CA LYS C 4 -13.16 -32.23 4.63
C LYS C 4 -13.35 -30.74 4.35
N THR C 5 -12.28 -30.09 3.90
CA THR C 5 -12.36 -28.72 3.43
C THR C 5 -12.68 -28.73 1.93
N ALA C 6 -12.95 -27.53 1.41
CA ALA C 6 -13.19 -27.33 -0.02
C ALA C 6 -11.89 -27.60 -0.78
N ASN C 7 -10.78 -27.16 -0.18
CA ASN C 7 -9.41 -27.38 -0.67
C ASN C 7 -9.19 -28.86 -0.97
N GLY C 8 -9.69 -29.77 -0.12
CA GLY C 8 -9.55 -31.21 -0.33
C GLY C 8 -9.16 -31.91 0.98
N THR C 9 -8.32 -31.23 1.78
CA THR C 9 -7.84 -31.68 3.08
C THR C 9 -8.94 -32.32 3.90
N ALA C 10 -8.72 -33.54 4.40
CA ALA C 10 -9.69 -34.29 5.17
C ALA C 10 -9.21 -34.53 6.62
N ILE C 11 -10.18 -34.71 7.52
CA ILE C 11 -9.94 -35.31 8.81
C ILE C 11 -10.90 -36.49 8.90
N PRO C 12 -10.43 -37.72 9.20
CA PRO C 12 -11.27 -38.92 9.11
C PRO C 12 -11.99 -39.25 10.41
N ILE C 13 -12.68 -40.40 10.39
CA ILE C 13 -13.29 -40.96 11.57
C ILE C 13 -12.30 -40.89 12.74
N GLY C 14 -12.82 -40.58 13.93
CA GLY C 14 -12.00 -40.50 15.13
C GLY C 14 -11.36 -39.12 15.32
N GLY C 15 -11.40 -38.30 14.27
CA GLY C 15 -10.94 -36.92 14.38
C GLY C 15 -9.47 -36.82 14.05
N GLY C 16 -8.92 -35.61 14.27
CA GLY C 16 -7.60 -35.25 13.80
C GLY C 16 -7.42 -33.73 13.66
N SER C 17 -6.48 -33.34 12.81
CA SER C 17 -6.10 -31.96 12.63
C SER C 17 -6.08 -31.63 11.12
N ALA C 18 -6.38 -30.38 10.76
CA ALA C 18 -6.21 -29.92 9.39
C ALA C 18 -5.93 -28.41 9.34
N ASN C 19 -5.38 -27.97 8.21
CA ASN C 19 -5.05 -26.57 7.98
C ASN C 19 -6.01 -25.97 6.97
N VAL C 20 -6.60 -24.80 7.32
CA VAL C 20 -7.53 -24.11 6.44
C VAL C 20 -6.99 -22.71 6.13
N TYR C 21 -6.97 -22.37 4.84
CA TYR C 21 -6.42 -21.11 4.35
C TYR C 21 -7.58 -20.24 3.88
N VAL C 22 -7.78 -19.08 4.53
CA VAL C 22 -8.90 -18.20 4.22
C VAL C 22 -8.40 -16.88 3.61
N ASN C 23 -9.10 -16.45 2.54
CA ASN C 23 -8.97 -15.11 2.01
C ASN C 23 -9.56 -14.10 2.99
N LEU C 24 -8.76 -13.10 3.35
CA LEU C 24 -9.27 -11.99 4.14
C LEU C 24 -9.39 -10.74 3.26
N ALA C 25 -10.30 -9.84 3.66
CA ALA C 25 -10.40 -8.50 3.10
C ALA C 25 -9.09 -7.75 3.39
N PRO C 26 -8.41 -7.20 2.33
CA PRO C 26 -7.12 -6.52 2.48
C PRO C 26 -7.04 -5.37 3.47
N VAL C 27 -8.13 -4.60 3.56
CA VAL C 27 -8.18 -3.36 4.32
C VAL C 27 -9.42 -3.39 5.20
N VAL C 28 -9.27 -3.02 6.46
CA VAL C 28 -10.36 -3.01 7.42
C VAL C 28 -10.18 -1.80 8.34
N ASN C 29 -11.23 -0.95 8.46
CA ASN C 29 -11.18 0.24 9.31
C ASN C 29 -11.50 -0.14 10.75
N VAL C 30 -11.02 0.67 11.70
CA VAL C 30 -10.76 0.21 13.07
C VAL C 30 -12.02 -0.38 13.73
N GLY C 31 -13.20 0.00 13.25
CA GLY C 31 -14.47 -0.55 13.74
C GLY C 31 -15.43 -0.95 12.62
N GLN C 32 -14.86 -1.51 11.55
CA GLN C 32 -15.55 -2.31 10.56
C GLN C 32 -15.27 -3.78 10.88
N ASN C 33 -16.05 -4.69 10.28
CA ASN C 33 -15.96 -6.11 10.60
C ASN C 33 -15.06 -6.83 9.58
N LEU C 34 -14.18 -7.70 10.10
CA LEU C 34 -13.52 -8.70 9.28
C LEU C 34 -14.23 -10.04 9.45
N VAL C 35 -14.71 -10.63 8.36
CA VAL C 35 -15.61 -11.76 8.45
C VAL C 35 -14.93 -12.99 7.85
N VAL C 36 -14.77 -14.02 8.67
CA VAL C 36 -14.16 -15.26 8.24
C VAL C 36 -15.25 -16.34 8.26
N ASP C 37 -15.87 -16.54 7.11
CA ASP C 37 -16.99 -17.46 6.98
C ASP C 37 -16.45 -18.85 6.60
N LEU C 38 -16.42 -19.74 7.61
CA LEU C 38 -15.86 -21.08 7.45
C LEU C 38 -16.89 -22.05 6.90
N SER C 39 -18.16 -21.65 6.82
CA SER C 39 -19.21 -22.53 6.29
C SER C 39 -19.03 -22.76 4.78
N THR C 40 -18.21 -21.94 4.12
CA THR C 40 -17.95 -22.10 2.69
C THR C 40 -16.76 -23.03 2.46
N GLN C 41 -16.09 -23.44 3.54
CA GLN C 41 -14.76 -24.02 3.47
C GLN C 41 -14.64 -25.35 4.22
N ILE C 42 -15.41 -25.56 5.31
CA ILE C 42 -15.39 -26.78 6.10
C ILE C 42 -16.73 -27.51 6.03
N PHE C 43 -16.68 -28.82 5.77
CA PHE C 43 -17.86 -29.63 5.49
C PHE C 43 -17.76 -30.96 6.24
N CYS C 44 -18.89 -31.57 6.56
CA CYS C 44 -18.93 -32.76 7.39
C CYS C 44 -20.11 -33.67 7.03
N HIS C 45 -19.92 -34.99 7.16
CA HIS C 45 -21.02 -35.91 6.96
C HIS C 45 -21.12 -36.89 8.12
N ASN C 46 -22.30 -37.51 8.21
CA ASN C 46 -22.60 -38.63 9.08
C ASN C 46 -22.45 -39.89 8.22
N ASP C 47 -21.74 -40.90 8.75
CA ASP C 47 -21.35 -42.07 7.97
C ASP C 47 -22.48 -43.12 7.91
N TYR C 48 -23.42 -43.09 8.86
CA TYR C 48 -24.57 -43.98 8.79
C TYR C 48 -25.81 -43.29 9.38
N PRO C 49 -26.39 -42.29 8.68
CA PRO C 49 -27.49 -41.48 9.22
C PRO C 49 -28.82 -42.22 9.48
N GLU C 50 -29.01 -43.37 8.81
CA GLU C 50 -30.19 -44.20 8.94
C GLU C 50 -30.47 -44.56 10.40
N THR C 51 -29.40 -44.82 11.18
CA THR C 51 -29.52 -45.32 12.53
C THR C 51 -28.72 -44.47 13.53
N ILE C 52 -27.77 -43.65 13.03
CA ILE C 52 -26.88 -42.89 13.89
C ILE C 52 -27.16 -41.40 13.68
N THR C 53 -27.10 -40.66 14.80
CA THR C 53 -27.20 -39.22 14.72
C THR C 53 -25.91 -38.62 15.30
N ASP C 54 -25.28 -37.73 14.52
CA ASP C 54 -24.04 -37.08 14.92
C ASP C 54 -24.35 -35.68 15.45
N TYR C 55 -23.61 -35.29 16.49
CA TYR C 55 -23.83 -34.04 17.19
C TYR C 55 -22.51 -33.30 17.29
N VAL C 56 -22.50 -32.05 16.80
CA VAL C 56 -21.27 -31.31 16.57
C VAL C 56 -21.32 -29.94 17.24
N THR C 57 -20.34 -29.64 18.07
CA THR C 57 -20.27 -28.35 18.73
C THR C 57 -18.94 -27.68 18.38
N LEU C 58 -18.89 -26.36 18.61
CA LEU C 58 -17.62 -25.69 18.76
C LEU C 58 -17.22 -25.79 20.23
N GLN C 59 -16.18 -26.57 20.52
CA GLN C 59 -15.77 -26.84 21.88
C GLN C 59 -15.04 -25.59 22.37
N ARG C 60 -14.00 -25.23 21.62
CA ARG C 60 -13.06 -24.18 21.95
C ARG C 60 -12.67 -23.52 20.63
N GLY C 61 -12.64 -22.19 20.65
CA GLY C 61 -12.07 -21.40 19.59
C GLY C 61 -11.07 -20.41 20.19
N SER C 62 -9.88 -20.38 19.61
CA SER C 62 -8.81 -19.55 20.14
C SER C 62 -8.18 -18.70 19.03
N ALA C 63 -7.62 -17.57 19.48
CA ALA C 63 -7.04 -16.54 18.64
C ALA C 63 -5.51 -16.57 18.73
N TYR C 64 -4.86 -16.43 17.57
CA TYR C 64 -3.40 -16.48 17.45
C TYR C 64 -2.92 -15.37 16.52
N GLY C 65 -1.69 -14.90 16.78
CA GLY C 65 -0.99 -14.00 15.88
C GLY C 65 -1.59 -12.60 15.89
N GLY C 66 -1.74 -12.04 14.68
CA GLY C 66 -2.31 -10.71 14.46
C GLY C 66 -3.72 -10.54 15.03
N VAL C 67 -4.56 -11.56 14.90
CA VAL C 67 -5.94 -11.53 15.39
C VAL C 67 -5.96 -11.59 16.93
N LEU C 68 -4.97 -12.22 17.56
CA LEU C 68 -4.95 -12.25 19.00
C LEU C 68 -4.64 -10.87 19.55
N SER C 69 -3.80 -10.12 18.82
CA SER C 69 -3.14 -8.91 19.33
C SER C 69 -3.89 -7.65 18.90
N ASN C 70 -4.42 -7.65 17.67
CA ASN C 70 -4.92 -6.45 17.03
C ASN C 70 -6.43 -6.53 16.78
N PHE C 71 -7.12 -7.53 17.35
CA PHE C 71 -8.56 -7.64 17.13
C PHE C 71 -9.25 -8.16 18.39
N SER C 72 -10.51 -7.73 18.56
CA SER C 72 -11.50 -8.45 19.35
C SER C 72 -12.51 -9.05 18.37
N GLY C 73 -13.17 -10.14 18.79
CA GLY C 73 -14.14 -10.80 17.93
C GLY C 73 -15.35 -11.41 18.64
N THR C 74 -16.27 -11.89 17.81
CA THR C 74 -17.32 -12.80 18.18
C THR C 74 -17.34 -13.95 17.16
N VAL C 75 -17.93 -15.07 17.56
CA VAL C 75 -18.14 -16.19 16.67
C VAL C 75 -19.63 -16.42 16.54
N LYS C 76 -20.07 -16.68 15.31
CA LYS C 76 -21.46 -17.04 15.08
C LYS C 76 -21.47 -18.53 14.75
N TYR C 77 -22.20 -19.29 15.58
CA TYR C 77 -22.34 -20.72 15.44
C TYR C 77 -23.82 -21.06 15.32
N SER C 78 -24.20 -21.55 14.14
CA SER C 78 -25.55 -22.04 13.88
C SER C 78 -26.57 -20.96 14.20
N GLY C 79 -26.20 -19.71 13.89
CA GLY C 79 -27.17 -18.64 13.97
C GLY C 79 -27.18 -17.86 15.29
N SER C 80 -26.27 -18.16 16.22
CA SER C 80 -26.21 -17.42 17.49
C SER C 80 -24.80 -16.89 17.73
N SER C 81 -24.67 -15.83 18.53
CA SER C 81 -23.40 -15.16 18.72
C SER C 81 -22.81 -15.57 20.06
N TYR C 82 -21.49 -15.79 20.09
CA TYR C 82 -20.76 -16.08 21.32
C TYR C 82 -19.47 -15.26 21.29
N PRO C 83 -18.85 -14.98 22.46
CA PRO C 83 -17.55 -14.32 22.49
C PRO C 83 -16.49 -15.21 21.83
N PHE C 84 -15.49 -14.58 21.22
CA PHE C 84 -14.33 -15.22 20.63
C PHE C 84 -13.10 -14.42 21.04
N PRO C 85 -12.10 -14.99 21.76
CA PRO C 85 -12.02 -16.41 22.07
C PRO C 85 -13.16 -16.92 22.94
N THR C 86 -13.56 -18.18 22.70
CA THR C 86 -14.76 -18.76 23.28
C THR C 86 -14.57 -19.08 24.76
N THR C 87 -15.63 -18.79 25.52
CA THR C 87 -15.61 -18.91 26.97
C THR C 87 -16.30 -20.20 27.42
N SER C 88 -16.76 -21.01 26.45
CA SER C 88 -17.59 -22.17 26.72
C SER C 88 -17.86 -22.97 25.44
N GLU C 89 -18.42 -24.16 25.62
CA GLU C 89 -18.93 -24.96 24.52
C GLU C 89 -20.32 -24.45 24.09
N THR C 90 -20.60 -24.53 22.78
CA THR C 90 -21.86 -24.09 22.20
C THR C 90 -22.88 -25.21 22.16
N PRO C 91 -24.16 -24.90 21.87
CA PRO C 91 -25.13 -25.89 21.38
C PRO C 91 -24.69 -26.72 20.18
N ARG C 92 -25.34 -27.88 19.99
CA ARG C 92 -24.93 -28.88 19.02
C ARG C 92 -25.62 -28.63 17.69
N VAL C 93 -24.87 -28.78 16.58
CA VAL C 93 -25.44 -28.91 15.24
C VAL C 93 -25.60 -30.39 14.94
N VAL C 94 -26.71 -30.75 14.30
CA VAL C 94 -27.00 -32.12 13.95
C VAL C 94 -26.46 -32.40 12.54
N TYR C 95 -25.74 -33.52 12.39
CA TYR C 95 -25.40 -34.05 11.09
C TYR C 95 -26.12 -35.39 10.87
N ASN C 96 -26.93 -35.45 9.81
CA ASN C 96 -27.75 -36.61 9.52
C ASN C 96 -27.87 -36.84 8.01
N SER C 97 -26.85 -36.44 7.24
CA SER C 97 -26.76 -36.84 5.83
C SER C 97 -25.38 -37.44 5.56
N ARG C 98 -25.34 -38.36 4.59
CA ARG C 98 -24.08 -38.89 4.08
C ARG C 98 -23.39 -37.88 3.16
N THR C 99 -24.15 -36.86 2.69
CA THR C 99 -23.60 -35.76 1.91
C THR C 99 -22.92 -34.77 2.86
N ASP C 100 -21.71 -34.33 2.46
CA ASP C 100 -20.98 -33.31 3.19
C ASP C 100 -21.82 -32.04 3.25
N LYS C 101 -21.87 -31.42 4.43
CA LYS C 101 -22.71 -30.26 4.69
C LYS C 101 -21.89 -29.26 5.49
N PRO C 102 -22.01 -27.93 5.23
CA PRO C 102 -21.23 -26.93 5.93
C PRO C 102 -21.22 -27.02 7.45
N TRP C 103 -20.06 -26.73 8.03
CA TRP C 103 -19.94 -26.43 9.45
C TRP C 103 -20.26 -24.95 9.65
N PRO C 104 -21.43 -24.60 10.25
CA PRO C 104 -21.92 -23.22 10.27
C PRO C 104 -21.19 -22.31 11.27
N VAL C 105 -19.94 -21.98 10.97
CA VAL C 105 -19.15 -21.08 11.79
C VAL C 105 -18.66 -19.91 10.95
N ALA C 106 -18.82 -18.70 11.52
CA ALA C 106 -18.21 -17.49 10.99
C ALA C 106 -17.65 -16.66 12.15
N LEU C 107 -16.47 -16.07 11.93
CA LEU C 107 -15.85 -15.18 12.90
C LEU C 107 -16.13 -13.73 12.47
N TYR C 108 -16.49 -12.89 13.44
CA TYR C 108 -16.59 -11.45 13.23
C TYR C 108 -15.50 -10.79 14.06
N LEU C 109 -14.43 -10.35 13.39
CA LEU C 109 -13.28 -9.71 14.01
C LEU C 109 -13.30 -8.21 13.70
N THR C 110 -12.97 -7.41 14.73
CA THR C 110 -12.90 -5.97 14.57
C THR C 110 -11.65 -5.47 15.29
N PRO C 111 -10.85 -4.59 14.64
CA PRO C 111 -9.61 -4.08 15.24
C PRO C 111 -9.87 -3.36 16.56
N VAL C 112 -9.01 -3.60 17.56
CA VAL C 112 -8.93 -2.74 18.72
C VAL C 112 -8.35 -1.40 18.27
N SER C 113 -8.42 -0.40 19.16
CA SER C 113 -7.91 0.94 18.93
C SER C 113 -6.39 0.98 18.77
N SER C 114 -5.66 0.04 19.42
CA SER C 114 -4.21 -0.01 19.34
C SER C 114 -3.75 -0.80 18.09
N ALA C 115 -4.55 -0.75 17.01
CA ALA C 115 -4.22 -1.45 15.78
C ALA C 115 -3.93 -0.44 14.67
N GLY C 116 -2.74 -0.56 14.08
CA GLY C 116 -2.35 0.23 12.92
C GLY C 116 -1.52 -0.60 11.94
N GLY C 117 -1.59 -0.22 10.65
CA GLY C 117 -0.77 -0.84 9.62
C GLY C 117 -1.18 -2.30 9.35
N VAL C 118 -0.21 -3.12 8.94
CA VAL C 118 -0.44 -4.55 8.78
C VAL C 118 -0.67 -5.14 10.17
N ALA C 119 -1.86 -5.74 10.36
CA ALA C 119 -2.27 -6.30 11.64
C ALA C 119 -2.50 -7.81 11.51
N ILE C 120 -2.51 -8.32 10.27
CA ILE C 120 -2.53 -9.75 9.99
C ILE C 120 -1.57 -10.04 8.84
N LYS C 121 -0.52 -10.83 9.13
CA LYS C 121 0.49 -11.22 8.15
C LYS C 121 -0.03 -12.42 7.36
N ALA C 122 0.14 -12.40 6.03
CA ALA C 122 -0.24 -13.52 5.18
C ALA C 122 0.57 -14.75 5.59
N GLY C 123 -0.12 -15.90 5.58
CA GLY C 123 0.47 -17.19 5.92
C GLY C 123 0.49 -17.47 7.43
N SER C 124 0.06 -16.50 8.26
CA SER C 124 0.15 -16.61 9.69
C SER C 124 -1.08 -17.36 10.23
N LEU C 125 -0.86 -18.04 11.36
CA LEU C 125 -1.95 -18.66 12.09
C LEU C 125 -2.75 -17.58 12.82
N ILE C 126 -4.07 -17.61 12.63
CA ILE C 126 -4.95 -16.63 13.23
C ILE C 126 -5.90 -17.29 14.24
N ALA C 127 -6.34 -18.52 13.96
CA ALA C 127 -7.24 -19.18 14.87
C ALA C 127 -7.05 -20.69 14.85
N VAL C 128 -7.39 -21.31 15.99
CA VAL C 128 -7.58 -22.75 16.11
C VAL C 128 -8.99 -23.01 16.65
N LEU C 129 -9.78 -23.74 15.85
CA LEU C 129 -11.17 -24.04 16.20
C LEU C 129 -11.29 -25.54 16.38
N ILE C 130 -11.88 -25.96 17.50
CA ILE C 130 -12.04 -27.37 17.78
C ILE C 130 -13.51 -27.74 17.65
N LEU C 131 -13.81 -28.46 16.56
CA LEU C 131 -15.10 -29.11 16.35
C LEU C 131 -15.11 -30.40 17.16
N ARG C 132 -16.09 -30.53 18.07
CA ARG C 132 -16.23 -31.72 18.89
C ARG C 132 -17.42 -32.55 18.41
N GLN C 133 -17.17 -33.84 18.15
CA GLN C 133 -18.17 -34.72 17.58
C GLN C 133 -18.54 -35.83 18.56
N THR C 134 -19.86 -35.98 18.73
CA THR C 134 -20.46 -37.03 19.56
C THR C 134 -21.64 -37.61 18.79
N ASN C 135 -22.35 -38.56 19.40
CA ASN C 135 -23.41 -39.28 18.70
C ASN C 135 -24.43 -39.77 19.71
N ASN C 136 -25.48 -40.41 19.18
CA ASN C 136 -26.62 -40.88 19.95
C ASN C 136 -26.40 -42.24 20.59
N TYR C 137 -25.22 -42.88 20.45
CA TYR C 137 -25.14 -44.29 20.82
C TYR C 137 -23.94 -44.64 21.71
N ASN C 138 -22.77 -43.99 21.58
CA ASN C 138 -21.67 -44.33 22.45
C ASN C 138 -21.06 -43.06 23.06
N SER C 139 -19.87 -43.21 23.63
CA SER C 139 -19.16 -42.15 24.34
C SER C 139 -18.06 -41.52 23.47
N ASP C 140 -18.18 -41.61 22.13
CA ASP C 140 -17.23 -40.94 21.24
C ASP C 140 -17.22 -39.45 21.59
N ASP C 141 -16.00 -38.92 21.75
CA ASP C 141 -15.77 -37.50 21.96
C ASP C 141 -14.56 -37.13 21.11
N PHE C 142 -14.78 -36.99 19.79
CA PHE C 142 -13.68 -36.78 18.85
C PHE C 142 -13.47 -35.31 18.57
N GLN C 143 -12.20 -34.90 18.53
CA GLN C 143 -11.79 -33.54 18.27
C GLN C 143 -11.35 -33.43 16.80
N PHE C 144 -12.00 -32.54 16.05
CA PHE C 144 -11.54 -32.15 14.73
C PHE C 144 -10.97 -30.73 14.82
N VAL C 145 -9.63 -30.63 14.77
CA VAL C 145 -8.96 -29.37 15.04
C VAL C 145 -8.68 -28.66 13.71
N TRP C 146 -9.26 -27.46 13.58
CA TRP C 146 -9.08 -26.63 12.41
C TRP C 146 -8.15 -25.47 12.75
N ASN C 147 -6.99 -25.48 12.04
CA ASN C 147 -5.96 -24.45 12.15
C ASN C 147 -6.13 -23.50 10.97
N ILE C 148 -6.49 -22.24 11.29
CA ILE C 148 -6.94 -21.26 10.31
C ILE C 148 -5.79 -20.32 9.99
N TYR C 149 -5.47 -20.23 8.69
CA TYR C 149 -4.35 -19.46 8.19
C TYR C 149 -4.83 -18.37 7.25
N ALA C 150 -4.23 -17.18 7.38
CA ALA C 150 -4.49 -16.08 6.47
C ALA C 150 -3.85 -16.36 5.11
N ASN C 151 -4.65 -16.26 4.04
CA ASN C 151 -4.10 -16.27 2.69
C ASN C 151 -3.38 -14.95 2.36
N ASN C 152 -3.78 -13.83 2.99
CA ASN C 152 -3.24 -12.53 2.63
C ASN C 152 -3.05 -11.67 3.88
N ASP C 153 -2.43 -10.50 3.70
CA ASP C 153 -2.27 -9.54 4.77
C ASP C 153 -3.59 -8.82 4.98
N VAL C 154 -3.69 -8.13 6.13
CA VAL C 154 -4.83 -7.25 6.40
C VAL C 154 -4.30 -6.01 7.09
N VAL C 155 -4.64 -4.85 6.48
CA VAL C 155 -4.14 -3.56 6.90
C VAL C 155 -5.29 -2.76 7.51
N VAL C 156 -5.05 -2.26 8.73
CA VAL C 156 -5.99 -1.40 9.45
C VAL C 156 -5.45 0.03 9.40
N PRO C 157 -5.91 0.89 8.45
CA PRO C 157 -5.38 2.24 8.32
C PRO C 157 -5.55 3.07 9.60
N THR C 158 -4.63 4.05 9.76
CA THR C 158 -4.60 4.97 10.87
C THR C 158 -4.67 6.39 10.29
N PHE D 1 21.81 27.76 19.92
CA PHE D 1 20.72 27.58 18.92
C PHE D 1 19.47 28.24 19.46
N ALA D 2 18.98 29.25 18.71
CA ALA D 2 17.76 29.95 19.05
C ALA D 2 16.98 30.24 17.77
N CYS D 3 15.66 30.41 17.92
CA CYS D 3 14.74 30.65 16.82
C CYS D 3 14.04 31.99 17.03
N LYS D 4 13.63 32.62 15.93
CA LYS D 4 12.74 33.77 15.99
C LYS D 4 11.80 33.70 14.80
N THR D 5 10.64 34.35 14.94
CA THR D 5 9.73 34.52 13.83
C THR D 5 10.07 35.81 13.09
N ALA D 6 9.40 36.01 11.95
CA ALA D 6 9.50 37.23 11.16
C ALA D 6 8.96 38.41 11.98
N ASN D 7 7.86 38.16 12.69
CA ASN D 7 7.23 39.11 13.62
C ASN D 7 8.27 39.69 14.58
N GLY D 8 9.18 38.85 15.11
CA GLY D 8 10.16 39.28 16.09
C GLY D 8 10.19 38.37 17.31
N THR D 9 9.01 37.79 17.66
CA THR D 9 8.87 36.75 18.68
C THR D 9 10.03 35.75 18.67
N ALA D 10 10.65 35.52 19.82
CA ALA D 10 11.78 34.62 19.91
C ALA D 10 11.48 33.42 20.82
N ILE D 11 12.19 32.33 20.58
CA ILE D 11 12.39 31.29 21.57
C ILE D 11 13.90 31.15 21.73
N PRO D 12 14.46 31.25 22.96
CA PRO D 12 15.90 31.32 23.14
C PRO D 12 16.55 29.95 23.32
N ILE D 13 17.86 30.01 23.59
CA ILE D 13 18.62 28.83 23.95
C ILE D 13 17.83 28.03 24.97
N GLY D 14 17.89 26.70 24.85
CA GLY D 14 17.21 25.81 25.78
C GLY D 14 15.76 25.55 25.40
N GLY D 15 15.25 26.33 24.43
CA GLY D 15 13.92 26.10 23.91
C GLY D 15 12.88 26.86 24.72
N GLY D 16 11.60 26.59 24.40
CA GLY D 16 10.50 27.38 24.91
C GLY D 16 9.27 27.27 24.01
N SER D 17 8.41 28.28 24.11
CA SER D 17 7.12 28.27 23.45
C SER D 17 6.95 29.62 22.74
N ALA D 18 6.21 29.64 21.63
CA ALA D 18 5.85 30.89 20.98
C ALA D 18 4.50 30.77 20.29
N ASN D 19 3.86 31.91 20.07
CA ASN D 19 2.62 32.00 19.32
C ASN D 19 2.90 32.65 17.98
N VAL D 20 2.52 31.97 16.89
CA VAL D 20 2.78 32.44 15.53
C VAL D 20 1.42 32.63 14.84
N TYR D 21 1.27 33.82 14.25
CA TYR D 21 0.06 34.21 13.56
C TYR D 21 0.36 34.18 12.05
N VAL D 22 -0.38 33.33 11.33
CA VAL D 22 -0.15 33.15 9.90
C VAL D 22 -1.34 33.67 9.11
N ASN D 23 -1.02 34.41 8.04
CA ASN D 23 -2.00 34.77 7.04
C ASN D 23 -2.35 33.53 6.24
N LEU D 24 -3.65 33.21 6.19
CA LEU D 24 -4.11 32.14 5.34
C LEU D 24 -4.84 32.72 4.12
N ALA D 25 -4.87 31.91 3.05
CA ALA D 25 -5.64 32.21 1.86
C ALA D 25 -7.13 32.24 2.24
N PRO D 26 -7.84 33.38 1.96
CA PRO D 26 -9.23 33.57 2.38
C PRO D 26 -10.24 32.51 1.94
N VAL D 27 -10.04 31.97 0.74
CA VAL D 27 -10.97 31.07 0.11
C VAL D 27 -10.20 29.83 -0.38
N VAL D 28 -10.77 28.65 -0.12
CA VAL D 28 -10.19 27.40 -0.58
C VAL D 28 -11.34 26.46 -0.96
N ASN D 29 -11.32 25.98 -2.22
CA ASN D 29 -12.38 25.14 -2.72
C ASN D 29 -12.06 23.68 -2.38
N VAL D 30 -13.10 22.84 -2.36
CA VAL D 30 -12.92 21.44 -1.97
C VAL D 30 -11.95 20.80 -2.96
N GLY D 31 -11.03 19.95 -2.46
CA GLY D 31 -10.03 19.29 -3.30
C GLY D 31 -8.99 20.23 -3.93
N GLN D 32 -8.94 21.49 -3.45
CA GLN D 32 -7.79 22.38 -3.59
C GLN D 32 -7.00 22.28 -2.29
N ASN D 33 -5.68 22.52 -2.35
CA ASN D 33 -4.82 22.42 -1.17
C ASN D 33 -4.62 23.81 -0.58
N LEU D 34 -4.77 23.93 0.75
CA LEU D 34 -4.42 25.13 1.49
C LEU D 34 -3.04 24.95 2.11
N VAL D 35 -2.15 25.92 1.86
CA VAL D 35 -0.77 25.79 2.30
C VAL D 35 -0.49 26.76 3.46
N VAL D 36 -0.01 26.20 4.57
CA VAL D 36 0.51 27.00 5.65
C VAL D 36 2.02 26.82 5.65
N ASP D 37 2.71 27.74 4.99
CA ASP D 37 4.14 27.66 4.79
C ASP D 37 4.83 28.44 5.90
N LEU D 38 5.36 27.70 6.88
CA LEU D 38 5.96 28.28 8.07
C LEU D 38 7.43 28.63 7.82
N SER D 39 8.00 28.19 6.69
CA SER D 39 9.39 28.49 6.37
C SER D 39 9.58 29.98 6.05
N THR D 40 8.49 30.72 5.82
CA THR D 40 8.55 32.16 5.57
C THR D 40 8.48 32.94 6.87
N GLN D 41 8.23 32.23 7.99
CA GLN D 41 7.83 32.87 9.24
C GLN D 41 8.68 32.44 10.45
N ILE D 42 9.27 31.22 10.44
CA ILE D 42 10.08 30.72 11.53
C ILE D 42 11.51 30.48 11.05
N PHE D 43 12.48 30.97 11.84
CA PHE D 43 13.88 31.00 11.45
C PHE D 43 14.75 30.59 12.64
N CYS D 44 15.94 30.05 12.36
CA CYS D 44 16.79 29.48 13.40
C CYS D 44 18.26 29.60 13.04
N HIS D 45 19.11 29.79 14.05
CA HIS D 45 20.55 29.78 13.83
C HIS D 45 21.24 28.86 14.84
N ASN D 46 22.48 28.53 14.51
CA ASN D 46 23.43 27.84 15.37
C ASN D 46 24.31 28.92 15.98
N ASP D 47 24.47 28.86 17.31
CA ASP D 47 25.10 29.93 18.07
C ASP D 47 26.63 29.81 18.04
N TYR D 48 27.15 28.61 17.78
CA TYR D 48 28.58 28.39 17.76
C TYR D 48 28.95 27.34 16.71
N PRO D 49 28.79 27.66 15.39
CA PRO D 49 29.02 26.68 14.31
C PRO D 49 30.47 26.20 14.12
N GLU D 50 31.44 26.99 14.63
CA GLU D 50 32.87 26.67 14.59
C GLU D 50 33.16 25.29 15.18
N THR D 51 32.43 24.87 16.20
CA THR D 51 32.68 23.61 16.88
C THR D 51 31.43 22.74 16.97
N ILE D 52 30.24 23.36 16.86
CA ILE D 52 29.00 22.68 17.16
C ILE D 52 28.14 22.62 15.88
N THR D 53 27.48 21.48 15.72
CA THR D 53 26.50 21.29 14.67
C THR D 53 25.17 20.96 15.36
N ASP D 54 24.14 21.70 14.94
CA ASP D 54 22.80 21.58 15.51
C ASP D 54 21.95 20.70 14.59
N TYR D 55 21.08 19.89 15.21
CA TYR D 55 20.27 18.91 14.50
C TYR D 55 18.82 19.12 14.90
N VAL D 56 17.96 19.40 13.91
CA VAL D 56 16.62 19.88 14.19
C VAL D 56 15.58 19.03 13.45
N THR D 57 14.60 18.53 14.21
CA THR D 57 13.55 17.72 13.63
C THR D 57 12.20 18.33 13.94
N LEU D 58 11.18 17.90 13.20
CA LEU D 58 9.81 18.04 13.69
C LEU D 58 9.50 16.80 14.55
N GLN D 59 9.32 17.01 15.85
CA GLN D 59 9.12 15.91 16.78
C GLN D 59 7.67 15.46 16.63
N ARG D 60 6.73 16.40 16.78
CA ARG D 60 5.31 16.14 16.88
C ARG D 60 4.58 17.34 16.29
N GLY D 61 3.47 17.07 15.62
CA GLY D 61 2.56 18.11 15.14
C GLY D 61 1.12 17.70 15.41
N SER D 62 0.31 18.61 15.96
CA SER D 62 -1.11 18.31 16.09
C SER D 62 -2.01 19.43 15.59
N ALA D 63 -3.26 19.03 15.27
CA ALA D 63 -4.26 19.88 14.64
C ALA D 63 -5.35 20.25 15.65
N TYR D 64 -5.75 21.54 15.62
CA TYR D 64 -6.72 22.09 16.55
C TYR D 64 -7.71 22.97 15.79
N GLY D 65 -8.93 23.10 16.34
CA GLY D 65 -9.91 24.08 15.89
C GLY D 65 -10.51 23.70 14.53
N GLY D 66 -10.61 24.72 13.66
CA GLY D 66 -11.14 24.59 12.31
C GLY D 66 -10.43 23.54 11.45
N VAL D 67 -9.09 23.51 11.56
CA VAL D 67 -8.26 22.59 10.80
C VAL D 67 -8.45 21.15 11.30
N LEU D 68 -8.74 20.98 12.59
CA LEU D 68 -8.91 19.64 13.09
C LEU D 68 -10.21 19.04 12.55
N SER D 69 -11.22 19.90 12.35
CA SER D 69 -12.59 19.46 12.10
C SER D 69 -12.94 19.50 10.62
N ASN D 70 -12.41 20.48 9.88
CA ASN D 70 -12.84 20.76 8.52
C ASN D 70 -11.75 20.49 7.48
N PHE D 71 -10.63 19.88 7.89
CA PHE D 71 -9.55 19.60 6.95
C PHE D 71 -8.90 18.25 7.27
N SER D 72 -8.45 17.59 6.19
CA SER D 72 -7.43 16.54 6.26
C SER D 72 -6.16 17.12 5.64
N GLY D 73 -4.99 16.61 6.04
CA GLY D 73 -3.74 17.20 5.60
C GLY D 73 -2.50 16.37 5.89
N THR D 74 -1.39 16.88 5.34
CA THR D 74 -0.05 16.31 5.47
C THR D 74 0.92 17.44 5.82
N VAL D 75 2.12 17.06 6.31
CA VAL D 75 3.14 18.06 6.58
C VAL D 75 4.34 17.79 5.70
N LYS D 76 4.94 18.86 5.16
CA LYS D 76 6.18 18.74 4.42
C LYS D 76 7.31 19.24 5.29
N TYR D 77 8.29 18.37 5.53
CA TYR D 77 9.50 18.72 6.24
C TYR D 77 10.72 18.44 5.36
N SER D 78 11.42 19.54 5.00
CA SER D 78 12.70 19.47 4.30
C SER D 78 12.52 18.75 2.98
N GLY D 79 11.35 18.93 2.36
CA GLY D 79 11.11 18.43 1.02
C GLY D 79 10.55 17.01 0.94
N SER D 80 10.07 16.46 2.06
CA SER D 80 9.39 15.17 2.05
C SER D 80 8.04 15.30 2.76
N SER D 81 7.15 14.34 2.53
CA SER D 81 5.82 14.32 3.11
C SER D 81 5.81 13.39 4.32
N TYR D 82 5.11 13.85 5.38
CA TYR D 82 4.86 13.03 6.56
C TYR D 82 3.39 13.20 6.91
N PRO D 83 2.79 12.23 7.66
CA PRO D 83 1.39 12.33 8.04
C PRO D 83 1.22 13.54 8.95
N PHE D 84 0.02 14.14 8.93
CA PHE D 84 -0.38 15.15 9.90
C PHE D 84 -1.79 14.86 10.37
N PRO D 85 -2.06 14.55 11.66
CA PRO D 85 -1.10 14.71 12.75
C PRO D 85 0.10 13.79 12.65
N THR D 86 1.28 14.31 13.08
CA THR D 86 2.53 13.55 13.05
C THR D 86 2.66 12.85 14.42
N THR D 87 2.77 11.52 14.35
CA THR D 87 2.72 10.65 15.51
C THR D 87 4.14 10.14 15.81
N SER D 88 5.13 10.66 15.09
CA SER D 88 6.52 10.26 15.24
C SER D 88 7.44 11.23 14.49
N GLU D 89 8.73 11.10 14.80
CA GLU D 89 9.69 12.16 14.53
C GLU D 89 10.23 12.01 13.12
N THR D 90 10.55 13.15 12.49
CA THR D 90 11.11 13.20 11.14
C THR D 90 12.63 13.08 11.18
N PRO D 91 13.27 12.79 10.03
CA PRO D 91 14.72 13.03 9.89
C PRO D 91 15.15 14.47 10.14
N ARG D 92 16.45 14.66 10.43
CA ARG D 92 16.93 15.91 11.01
C ARG D 92 17.44 16.85 9.92
N VAL D 93 17.19 18.15 10.11
CA VAL D 93 17.83 19.20 9.32
C VAL D 93 19.05 19.70 10.09
N VAL D 94 20.14 19.98 9.38
CA VAL D 94 21.35 20.51 9.99
C VAL D 94 21.33 22.03 9.97
N TYR D 95 21.64 22.64 11.12
CA TYR D 95 21.91 24.07 11.21
C TYR D 95 23.38 24.27 11.60
N ASN D 96 24.19 24.89 10.72
CA ASN D 96 25.59 25.18 11.03
C ASN D 96 26.00 26.59 10.59
N SER D 97 25.04 27.52 10.59
CA SER D 97 25.32 28.92 10.31
C SER D 97 24.81 29.79 11.45
N ARG D 98 25.54 30.88 11.72
CA ARG D 98 25.09 31.92 12.63
C ARG D 98 23.98 32.77 11.99
N THR D 99 23.87 32.71 10.65
CA THR D 99 22.78 33.33 9.90
C THR D 99 21.48 32.52 10.07
N ASP D 100 20.39 33.25 10.37
CA ASP D 100 19.08 32.65 10.51
C ASP D 100 18.72 31.98 9.17
N LYS D 101 18.17 30.77 9.28
CA LYS D 101 17.73 29.98 8.15
C LYS D 101 16.31 29.51 8.46
N PRO D 102 15.40 29.47 7.46
CA PRO D 102 14.07 28.91 7.66
C PRO D 102 14.03 27.54 8.33
N TRP D 103 13.01 27.34 9.18
CA TRP D 103 12.58 26.01 9.58
C TRP D 103 11.68 25.46 8.49
N PRO D 104 12.14 24.44 7.71
CA PRO D 104 11.47 24.05 6.47
C PRO D 104 10.21 23.21 6.66
N VAL D 105 9.16 23.83 7.21
CA VAL D 105 7.90 23.15 7.47
C VAL D 105 6.77 23.89 6.76
N ALA D 106 5.92 23.11 6.09
CA ALA D 106 4.68 23.57 5.53
C ALA D 106 3.58 22.53 5.77
N LEU D 107 2.35 22.99 6.02
CA LEU D 107 1.20 22.12 6.06
C LEU D 107 0.47 22.18 4.72
N TYR D 108 0.04 21.00 4.23
CA TYR D 108 -0.83 20.89 3.07
C TYR D 108 -2.18 20.36 3.53
N LEU D 109 -3.16 21.27 3.60
CA LEU D 109 -4.47 21.00 4.15
C LEU D 109 -5.50 21.09 3.04
N THR D 110 -6.48 20.16 3.07
CA THR D 110 -7.54 20.17 2.08
C THR D 110 -8.86 19.90 2.79
N PRO D 111 -9.93 20.69 2.48
CA PRO D 111 -11.21 20.55 3.17
C PRO D 111 -11.78 19.16 2.98
N VAL D 112 -12.34 18.57 4.06
CA VAL D 112 -13.22 17.43 3.90
C VAL D 112 -14.50 17.95 3.28
N SER D 113 -15.31 17.05 2.71
CA SER D 113 -16.49 17.44 1.92
C SER D 113 -17.62 17.94 2.83
N SER D 114 -17.64 17.50 4.10
CA SER D 114 -18.55 18.03 5.12
C SER D 114 -18.48 19.56 5.25
N ALA D 115 -17.32 20.15 4.95
CA ALA D 115 -17.03 21.54 5.25
C ALA D 115 -17.74 22.52 4.31
N GLY D 116 -18.23 23.63 4.88
CA GLY D 116 -18.83 24.72 4.13
C GLY D 116 -18.78 26.02 4.93
N GLY D 117 -18.75 27.16 4.23
CA GLY D 117 -18.67 28.47 4.88
C GLY D 117 -17.31 28.70 5.52
N VAL D 118 -17.28 29.51 6.60
CA VAL D 118 -16.08 29.70 7.40
C VAL D 118 -15.74 28.39 8.10
N ALA D 119 -14.54 27.87 7.80
CA ALA D 119 -14.06 26.61 8.36
C ALA D 119 -12.80 26.84 9.21
N ILE D 120 -12.24 28.05 9.11
CA ILE D 120 -11.16 28.49 9.99
C ILE D 120 -11.48 29.91 10.47
N LYS D 121 -11.70 30.04 11.79
CA LYS D 121 -12.03 31.32 12.40
C LYS D 121 -10.74 32.06 12.71
N ALA D 122 -10.71 33.37 12.39
CA ALA D 122 -9.55 34.22 12.66
C ALA D 122 -9.28 34.25 14.16
N GLY D 123 -7.98 34.19 14.52
CA GLY D 123 -7.54 34.22 15.90
C GLY D 123 -7.54 32.84 16.59
N SER D 124 -8.03 31.79 15.92
CA SER D 124 -8.16 30.47 16.53
C SER D 124 -6.86 29.69 16.38
N LEU D 125 -6.61 28.79 17.34
CA LEU D 125 -5.48 27.87 17.26
C LEU D 125 -5.81 26.78 16.26
N ILE D 126 -4.85 26.56 15.33
CA ILE D 126 -5.02 25.57 14.28
C ILE D 126 -4.00 24.45 14.44
N ALA D 127 -2.78 24.75 14.88
CA ALA D 127 -1.80 23.69 15.06
C ALA D 127 -0.79 24.02 16.16
N VAL D 128 -0.20 22.95 16.73
CA VAL D 128 0.96 23.02 17.60
C VAL D 128 2.06 22.11 17.04
N LEU D 129 3.20 22.73 16.68
CA LEU D 129 4.30 22.03 16.05
C LEU D 129 5.51 22.10 16.98
N ILE D 130 6.13 20.94 17.24
CA ILE D 130 7.25 20.87 18.15
C ILE D 130 8.54 20.64 17.39
N LEU D 131 9.37 21.68 17.32
CA LEU D 131 10.74 21.59 16.81
C LEU D 131 11.65 21.04 17.92
N ARG D 132 12.34 19.92 17.64
CA ARG D 132 13.25 19.33 18.61
C ARG D 132 14.70 19.55 18.19
N GLN D 133 15.53 20.11 19.09
CA GLN D 133 16.89 20.50 18.76
C GLN D 133 17.90 19.69 19.60
N THR D 134 18.92 19.16 18.92
CA THR D 134 20.03 18.41 19.50
C THR D 134 21.33 18.90 18.87
N ASN D 135 22.48 18.40 19.36
CA ASN D 135 23.75 18.83 18.79
C ASN D 135 24.77 17.69 18.87
N ASN D 136 25.95 17.95 18.28
CA ASN D 136 27.05 17.01 18.24
C ASN D 136 28.07 17.34 19.33
N TYR D 137 27.59 17.79 20.50
CA TYR D 137 28.44 18.47 21.47
C TYR D 137 28.19 17.98 22.90
N ASN D 138 26.90 17.85 23.26
CA ASN D 138 26.49 17.48 24.60
C ASN D 138 25.14 16.77 24.51
N SER D 139 24.40 16.70 25.64
CA SER D 139 23.10 16.04 25.71
C SER D 139 21.88 16.94 25.47
N ASP D 140 22.09 18.19 25.03
CA ASP D 140 20.98 19.14 24.88
C ASP D 140 19.87 18.51 24.02
N ASP D 141 18.63 18.59 24.52
CA ASP D 141 17.47 17.99 23.89
C ASP D 141 16.24 18.88 24.09
N PHE D 142 16.16 19.95 23.30
CA PHE D 142 15.31 21.09 23.59
C PHE D 142 14.10 21.11 22.68
N GLN D 143 12.94 21.46 23.25
CA GLN D 143 11.68 21.61 22.52
C GLN D 143 11.41 23.09 22.26
N PHE D 144 11.22 23.43 20.99
CA PHE D 144 10.72 24.74 20.59
C PHE D 144 9.28 24.55 20.10
N VAL D 145 8.31 24.98 20.93
CA VAL D 145 6.91 24.71 20.66
C VAL D 145 6.30 25.90 19.92
N TRP D 146 5.80 25.64 18.71
CA TRP D 146 5.17 26.68 17.91
C TRP D 146 3.66 26.44 17.90
N ASN D 147 2.95 27.43 18.45
CA ASN D 147 1.49 27.45 18.52
C ASN D 147 0.99 28.38 17.41
N ILE D 148 0.29 27.78 16.42
CA ILE D 148 -0.02 28.43 15.16
C ILE D 148 -1.46 28.93 15.20
N TYR D 149 -1.62 30.23 14.94
CA TYR D 149 -2.89 30.93 15.01
C TYR D 149 -3.21 31.50 13.63
N ALA D 150 -4.49 31.41 13.25
CA ALA D 150 -4.98 32.04 12.04
C ALA D 150 -5.03 33.56 12.22
N ASN D 151 -4.41 34.32 11.30
CA ASN D 151 -4.64 35.76 11.24
C ASN D 151 -6.04 36.10 10.72
N ASN D 152 -6.63 35.23 9.89
CA ASN D 152 -7.86 35.58 9.21
C ASN D 152 -8.78 34.36 9.12
N ASP D 153 -10.01 34.58 8.66
CA ASP D 153 -10.92 33.46 8.39
C ASP D 153 -10.47 32.76 7.11
N VAL D 154 -11.01 31.54 6.92
CA VAL D 154 -10.88 30.84 5.66
C VAL D 154 -12.22 30.18 5.36
N VAL D 155 -12.70 30.48 4.15
CA VAL D 155 -14.02 30.08 3.68
C VAL D 155 -13.86 29.01 2.60
N VAL D 156 -14.57 27.90 2.81
CA VAL D 156 -14.68 26.82 1.84
C VAL D 156 -16.07 26.91 1.19
N PRO D 157 -16.21 27.57 0.01
CA PRO D 157 -17.52 27.89 -0.58
C PRO D 157 -18.44 26.68 -0.78
N THR D 158 -19.75 26.97 -0.85
CA THR D 158 -20.86 26.04 -0.64
C THR D 158 -20.40 24.67 -0.12
C13 RLO E . -13.07 22.52 -27.43
C15 RLO E . -14.93 23.76 -28.76
C17 RLO E . -15.14 21.36 -28.25
C20 RLO E . -13.37 26.15 -28.57
C21 RLO E . -14.65 26.16 -29.26
C22 RLO E . -13.30 19.98 -26.88
C01 RLO E . -10.51 17.66 -24.79
C02 RLO E . -10.39 16.11 -24.37
C03 RLO E . -11.76 15.55 -23.76
C04 RLO E . -12.23 16.48 -22.56
C05 RLO E . -12.31 17.96 -23.16
C06 RLO E . -12.85 18.88 -21.97
C07 RLO E . -11.42 17.74 -26.11
O08 RLO E . -9.39 15.98 -23.29
O09 RLO E . -11.50 14.20 -23.22
O10 RLO E . -13.61 16.13 -22.18
O11 RLO E . -11.02 18.44 -23.65
O12 RLO E . -11.87 18.89 -20.88
C14 RLO E . -13.62 23.72 -28.05
C16 RLO E . -15.72 22.54 -28.87
C18 RLO E . -13.86 21.33 -27.54
C19 RLO E . -12.87 24.95 -27.96
C23 RLO E . -12.02 19.22 -26.30
N24 RLO E . -15.40 24.97 -29.34
C13 RLO F . 19.09 6.30 -33.42
C15 RLO F . 19.09 8.80 -34.19
C17 RLO F . 17.17 7.30 -34.68
C20 RLO F . 21.63 9.13 -33.03
C21 RLO F . 20.99 10.25 -33.69
C22 RLO F . 16.93 4.85 -34.04
C01 RLO F . 15.82 1.39 -33.04
C02 RLO F . 14.81 0.16 -33.15
C03 RLO F . 13.29 0.66 -33.43
C04 RLO F . 12.89 1.67 -32.28
C05 RLO F . 13.96 2.86 -32.32
C06 RLO F . 13.68 3.75 -31.02
C07 RLO F . 15.98 2.07 -34.47
O08 RLO F . 15.01 -0.58 -31.89
O09 RLO F . 12.33 -0.46 -33.48
O10 RLO F . 11.55 2.22 -32.52
O11 RLO F . 15.38 2.49 -32.16
O12 RLO F . 14.13 2.97 -29.86
C14 RLO F . 19.71 7.62 -33.51
C16 RLO F . 17.78 8.61 -34.80
C18 RLO F . 17.79 6.19 -34.02
C19 RLO F . 21.01 7.85 -32.93
C23 RLO F . 16.98 3.27 -34.15
N24 RLO F . 19.72 10.06 -34.27
C13 RLO G . -20.92 -47.46 8.76
C15 RLO G . -22.96 -49.10 8.73
C17 RLO G . -22.25 -47.87 10.79
C20 RLO G . -22.55 -49.63 6.08
C21 RLO G . -23.64 -50.29 6.76
C22 RLO G . -20.34 -46.22 11.11
C01 RLO G . -18.28 -43.52 12.90
C02 RLO G . -17.76 -42.64 14.15
C03 RLO G . -18.93 -42.32 15.20
C04 RLO G . -20.08 -41.68 14.34
C05 RLO G . -20.52 -42.62 13.13
C06 RLO G . -21.64 -41.92 12.25
C07 RLO G . -18.83 -44.95 13.37
O08 RLO G . -17.31 -41.36 13.61
O09 RLO G . -18.52 -41.36 16.25
O10 RLO G . -21.23 -41.48 15.25
O11 RLO G . -19.35 -42.78 12.25
O12 RLO G . -21.05 -40.88 11.39
C14 RLO G . -21.81 -48.40 8.08
C16 RLO G . -23.15 -48.80 10.14
C18 RLO G . -21.16 -47.21 10.15
C19 RLO G . -21.64 -48.71 6.70
C23 RLO G . -19.14 -45.88 12.10
N24 RLO G . -23.85 -50.02 8.12
C13 RLO H . 30.07 26.86 23.48
C15 RLO H . 31.55 28.95 23.05
C17 RLO H . 29.11 29.06 22.66
C20 RLO H . 33.76 27.42 23.85
C21 RLO H . 33.92 28.81 23.44
C22 RLO H . 27.48 27.08 23.02
C01 RLO H . 23.74 26.81 22.64
C02 RLO H . 22.44 25.87 22.83
C03 RLO H . 22.86 24.38 22.39
C04 RLO H . 23.55 24.40 20.94
C05 RLO H . 24.65 25.55 20.79
C06 RLO H . 25.01 25.65 19.23
C07 RLO H . 24.76 26.19 23.71
O08 RLO H . 21.33 26.44 22.04
O09 RLO H . 21.64 23.55 22.47
O10 RLO H . 24.27 23.14 20.71
O11 RLO H . 24.27 26.90 21.27
O12 RLO H . 23.99 26.57 18.71
C14 RLO H . 31.37 27.52 23.47
C16 RLO H . 30.39 29.73 22.65
C18 RLO H . 28.96 27.68 23.06
C19 RLO H . 32.50 26.74 23.88
C23 RLO H . 26.03 27.14 23.67
N24 RLO H . 32.81 29.59 23.04
#